data_2DVX
#
_entry.id   2DVX
#
_cell.length_a   109.020
_cell.length_b   113.548
_cell.length_c   119.322
_cell.angle_alpha   90.00
_cell.angle_beta   90.00
_cell.angle_gamma   90.00
#
_symmetry.space_group_name_H-M   'P 21 21 21'
#
loop_
_entity.id
_entity.type
_entity.pdbx_description
1 polymer 'Thermophilic reversible gamma-resorcylate decarboxylase'
2 non-polymer 'ZINC ION'
3 non-polymer 2,3-DIHYDROXYBENZALDEHYDE
4 water water
#
_entity_poly.entity_id   1
_entity_poly.type   'polypeptide(L)'
_entity_poly.pdbx_seq_one_letter_code
;MQGKVALEEHFAIPETLQDSAGFVPGDYWKELQHRLLDIQDTRLKLMDAHGIETMILSLNAPAVQAIPDRRKAIEIARRA
NDVLAEECAKRPDRFLAFAALPLQDPDAATEELQRCVNDLGFVGALVNGFSQEGDGQTPLYYDLPQYRPFWGEVEKLDVP
FYLHPRNPLPQDSRIYDGHPWLLGPTWAFAQETAVHALRLMASGLFDEHPRLNIILGHMGEGLPYMMWRIDHRNAWVKLP
PRYPAKRRFMDYFNENFHITTSGNFRTQTLIDAILEIGADRILFSTDWPFENIDHASDWFNATSIAEADRVKIGRTNARR
LFKLDGA
;
_entity_poly.pdbx_strand_id   A,B,C,D
#
# COMPACT_ATOMS: atom_id res chain seq x y z
N MET A 1 -1.52 8.11 20.91
CA MET A 1 -0.18 7.71 21.42
C MET A 1 0.44 8.79 22.29
N GLN A 2 0.96 8.37 23.45
CA GLN A 2 1.62 9.29 24.37
C GLN A 2 3.13 9.07 24.28
N GLY A 3 3.90 9.99 24.86
CA GLY A 3 5.35 9.86 24.85
C GLY A 3 6.04 10.07 23.51
N LYS A 4 5.39 10.79 22.60
CA LYS A 4 6.00 11.02 21.30
C LYS A 4 7.17 11.99 21.36
N VAL A 5 8.02 11.93 20.33
CA VAL A 5 9.16 12.82 20.20
C VAL A 5 8.88 13.59 18.91
N ALA A 6 9.07 14.90 18.92
CA ALA A 6 8.85 15.71 17.73
C ALA A 6 10.13 16.52 17.51
N LEU A 7 10.63 16.55 16.27
CA LEU A 7 11.87 17.25 16.01
C LEU A 7 11.98 18.30 14.91
N GLU A 8 10.86 18.84 14.44
CA GLU A 8 10.94 19.95 13.50
C GLU A 8 9.92 20.92 14.11
N GLU A 9 10.34 21.47 15.25
CA GLU A 9 9.51 22.37 16.05
C GLU A 9 10.33 23.63 16.21
N HIS A 10 9.82 24.71 15.64
CA HIS A 10 10.54 25.98 15.62
C HIS A 10 10.16 27.05 16.62
N PHE A 11 11.07 28.00 16.76
CA PHE A 11 10.89 29.16 17.63
C PHE A 11 11.71 30.24 16.95
N ALA A 12 11.67 31.46 17.49
CA ALA A 12 12.43 32.54 16.91
C ALA A 12 12.86 33.50 18.00
N ILE A 13 13.86 34.31 17.68
CA ILE A 13 14.34 35.33 18.60
C ILE A 13 13.95 36.61 17.87
N PRO A 14 13.83 37.73 18.60
CA PRO A 14 13.45 38.98 17.94
C PRO A 14 14.21 39.25 16.64
N GLU A 15 15.51 38.95 16.64
CA GLU A 15 16.36 39.18 15.48
C GLU A 15 16.02 38.38 14.22
N THR A 16 15.29 37.27 14.38
CA THR A 16 14.94 36.44 13.22
C THR A 16 13.44 36.34 12.99
N LEU A 17 12.67 36.97 13.86
CA LEU A 17 11.21 36.92 13.77
C LEU A 17 10.65 37.35 12.43
N GLN A 18 11.13 38.47 11.90
CA GLN A 18 10.61 38.97 10.63
C GLN A 18 10.80 38.02 9.45
N ASP A 19 11.71 37.06 9.60
CA ASP A 19 11.95 36.08 8.56
C ASP A 19 10.70 35.24 8.29
N SER A 20 9.83 35.11 9.30
CA SER A 20 8.61 34.32 9.17
C SER A 20 7.37 35.12 8.79
N ALA A 21 7.50 36.43 8.74
CA ALA A 21 6.37 37.31 8.42
C ALA A 21 5.68 37.00 7.10
N GLY A 22 6.48 36.83 6.04
CA GLY A 22 5.91 36.58 4.72
C GLY A 22 5.33 35.22 4.41
N PHE A 23 5.15 34.38 5.44
CA PHE A 23 4.60 33.05 5.17
C PHE A 23 3.22 32.79 5.77
N VAL A 24 2.56 33.87 6.19
CA VAL A 24 1.21 33.79 6.74
C VAL A 24 0.52 35.13 6.48
N PRO A 25 -0.78 35.10 6.16
CA PRO A 25 -1.49 36.35 5.89
C PRO A 25 -1.34 37.34 7.05
N GLY A 26 -1.64 38.61 6.79
CA GLY A 26 -1.52 39.61 7.82
C GLY A 26 -2.37 39.36 9.04
N ASP A 27 -3.53 38.74 8.85
CA ASP A 27 -4.44 38.45 9.95
C ASP A 27 -3.88 37.42 10.95
N TYR A 28 -3.12 36.46 10.43
CA TYR A 28 -2.55 35.40 11.27
C TYR A 28 -1.14 35.68 11.77
N TRP A 29 -0.56 36.81 11.36
CA TRP A 29 0.79 37.18 11.76
C TRP A 29 0.94 37.34 13.28
N LYS A 30 -0.01 38.02 13.90
CA LYS A 30 0.05 38.23 15.35
C LYS A 30 0.15 36.89 16.08
N GLU A 31 -0.69 35.95 15.67
CA GLU A 31 -0.73 34.62 16.27
C GLU A 31 0.56 33.84 16.02
N LEU A 32 1.07 33.89 14.80
CA LEU A 32 2.31 33.18 14.47
C LEU A 32 3.48 33.72 15.29
N GLN A 33 3.52 35.03 15.50
CA GLN A 33 4.59 35.65 16.28
C GLN A 33 4.53 35.14 17.71
N HIS A 34 3.34 35.11 18.29
CA HIS A 34 3.17 34.62 19.65
C HIS A 34 3.70 33.20 19.76
N ARG A 35 3.31 32.36 18.79
CA ARG A 35 3.73 30.97 18.77
C ARG A 35 5.25 30.82 18.68
N LEU A 36 5.86 31.59 17.79
CA LEU A 36 7.30 31.53 17.58
C LEU A 36 8.11 31.95 18.81
N LEU A 37 7.60 32.93 19.55
CA LEU A 37 8.30 33.41 20.74
C LEU A 37 8.00 32.59 21.98
N ASP A 38 6.91 31.84 21.96
CA ASP A 38 6.51 31.02 23.10
C ASP A 38 7.13 29.63 23.10
N ILE A 39 7.61 29.22 24.27
CA ILE A 39 8.21 27.90 24.42
C ILE A 39 7.73 27.22 25.70
N GLN A 40 7.63 27.98 26.79
CA GLN A 40 7.23 27.44 28.09
C GLN A 40 5.74 27.35 28.37
N ASP A 41 4.92 28.13 27.69
CA ASP A 41 3.48 28.12 27.96
C ASP A 41 2.60 27.33 26.99
N THR A 42 2.05 28.03 26.00
CA THR A 42 1.17 27.42 25.00
C THR A 42 1.73 26.13 24.42
N ARG A 43 2.98 26.19 23.99
CA ARG A 43 3.67 25.06 23.40
C ARG A 43 3.64 23.83 24.31
N LEU A 44 3.96 24.03 25.58
CA LEU A 44 3.99 22.94 26.55
C LEU A 44 2.59 22.39 26.82
N LYS A 45 1.60 23.28 26.89
CA LYS A 45 0.24 22.83 27.13
C LYS A 45 -0.22 21.93 25.98
N LEU A 46 0.16 22.29 24.75
CA LEU A 46 -0.21 21.50 23.59
C LEU A 46 0.51 20.15 23.59
N MET A 47 1.74 20.14 24.07
CA MET A 47 2.51 18.90 24.15
C MET A 47 1.84 17.97 25.17
N ASP A 48 1.35 18.55 26.27
CA ASP A 48 0.69 17.75 27.29
C ASP A 48 -0.64 17.19 26.84
N ALA A 49 -1.34 17.94 25.99
CA ALA A 49 -2.65 17.51 25.51
C ALA A 49 -2.56 16.60 24.31
N HIS A 50 -1.43 16.61 23.62
CA HIS A 50 -1.28 15.80 22.43
C HIS A 50 -0.17 14.75 22.44
N GLY A 51 0.06 14.20 23.62
CA GLY A 51 1.05 13.15 23.81
C GLY A 51 2.47 13.34 23.31
N ILE A 52 3.03 14.53 23.47
CA ILE A 52 4.40 14.77 23.04
C ILE A 52 5.24 14.96 24.30
N GLU A 53 6.15 14.03 24.55
CA GLU A 53 7.01 14.10 25.72
C GLU A 53 8.25 14.94 25.46
N THR A 54 8.85 14.73 24.30
CA THR A 54 10.08 15.44 23.94
C THR A 54 9.95 16.27 22.67
N MET A 55 10.39 17.52 22.76
CA MET A 55 10.35 18.40 21.60
C MET A 55 11.77 18.92 21.38
N ILE A 56 12.37 18.55 20.25
CA ILE A 56 13.71 19.02 19.93
C ILE A 56 13.48 20.32 19.14
N LEU A 57 13.87 21.43 19.75
CA LEU A 57 13.68 22.76 19.18
C LEU A 57 14.76 23.26 18.22
N SER A 58 14.34 24.10 17.28
CA SER A 58 15.25 24.68 16.30
C SER A 58 14.78 26.08 15.92
N LEU A 59 15.73 26.94 15.57
CA LEU A 59 15.41 28.32 15.16
C LEU A 59 14.62 28.27 13.86
N ASN A 60 13.92 29.36 13.54
CA ASN A 60 13.11 29.43 12.32
C ASN A 60 13.97 29.63 11.06
N ALA A 61 13.33 29.84 9.91
CA ALA A 61 14.06 29.96 8.65
C ALA A 61 13.71 31.21 7.83
N PRO A 62 14.66 31.66 6.98
CA PRO A 62 15.97 31.05 6.76
C PRO A 62 16.99 31.41 7.85
N ALA A 63 16.64 32.42 8.65
CA ALA A 63 17.51 32.86 9.74
C ALA A 63 18.97 33.02 9.36
N VAL A 64 19.86 32.32 10.07
CA VAL A 64 21.30 32.42 9.85
C VAL A 64 21.79 32.22 8.42
N GLN A 65 21.15 31.30 7.68
CA GLN A 65 21.58 31.04 6.31
C GLN A 65 21.34 32.21 5.35
N ALA A 66 20.55 33.19 5.77
CA ALA A 66 20.27 34.36 4.94
C ALA A 66 21.01 35.62 5.38
N ILE A 67 22.03 35.45 6.24
CA ILE A 67 22.84 36.57 6.72
C ILE A 67 24.20 36.45 6.04
N PRO A 68 24.42 37.20 4.95
CA PRO A 68 25.69 37.14 4.21
C PRO A 68 26.96 37.59 4.94
N ASP A 69 26.84 38.48 5.91
CA ASP A 69 28.01 38.92 6.64
C ASP A 69 28.41 37.87 7.67
N ARG A 70 29.59 37.29 7.48
CA ARG A 70 30.08 36.25 8.37
C ARG A 70 30.04 36.62 9.85
N ARG A 71 30.47 37.83 10.18
CA ARG A 71 30.48 38.28 11.56
C ARG A 71 29.09 38.35 12.17
N LYS A 72 28.14 38.90 11.42
CA LYS A 72 26.77 39.01 11.90
C LYS A 72 26.16 37.63 12.04
N ALA A 73 26.45 36.76 11.08
CA ALA A 73 25.93 35.39 11.09
C ALA A 73 26.39 34.64 12.33
N ILE A 74 27.67 34.77 12.65
CA ILE A 74 28.24 34.09 13.81
C ILE A 74 27.59 34.63 15.08
N GLU A 75 27.39 35.94 15.14
CA GLU A 75 26.78 36.59 16.29
C GLU A 75 25.34 36.15 16.51
N ILE A 76 24.55 36.15 15.45
CA ILE A 76 23.15 35.75 15.55
C ILE A 76 23.01 34.28 15.89
N ALA A 77 23.84 33.44 15.28
CA ALA A 77 23.79 32.00 15.55
C ALA A 77 24.06 31.76 17.03
N ARG A 78 25.10 32.40 17.55
CA ARG A 78 25.47 32.24 18.95
C ARG A 78 24.38 32.74 19.89
N ARG A 79 23.77 33.87 19.56
CA ARG A 79 22.70 34.44 20.39
C ARG A 79 21.50 33.50 20.41
N ALA A 80 21.14 32.97 19.24
CA ALA A 80 20.00 32.07 19.14
C ALA A 80 20.26 30.77 19.90
N ASN A 81 21.50 30.30 19.86
CA ASN A 81 21.84 29.07 20.58
C ASN A 81 21.84 29.28 22.08
N ASP A 82 22.28 30.46 22.54
CA ASP A 82 22.29 30.72 23.97
C ASP A 82 20.88 30.83 24.51
N VAL A 83 19.99 31.48 23.75
CA VAL A 83 18.60 31.62 24.18
C VAL A 83 17.97 30.24 24.25
N LEU A 84 18.21 29.42 23.24
CA LEU A 84 17.66 28.07 23.21
C LEU A 84 18.14 27.25 24.40
N ALA A 85 19.42 27.36 24.74
CA ALA A 85 19.96 26.61 25.87
C ALA A 85 19.30 27.07 27.16
N GLU A 86 19.05 28.37 27.27
CA GLU A 86 18.41 28.94 28.44
C GLU A 86 16.99 28.41 28.57
N GLU A 87 16.28 28.34 27.45
CA GLU A 87 14.91 27.85 27.45
C GLU A 87 14.82 26.36 27.78
N CYS A 88 15.73 25.58 27.22
CA CYS A 88 15.72 24.14 27.48
C CYS A 88 15.99 23.85 28.95
N ALA A 89 16.87 24.65 29.56
CA ALA A 89 17.22 24.47 30.96
C ALA A 89 16.03 24.65 31.89
N LYS A 90 15.02 25.40 31.45
CA LYS A 90 13.84 25.62 32.28
C LYS A 90 13.03 24.33 32.43
N ARG A 91 13.09 23.47 31.40
CA ARG A 91 12.39 22.19 31.43
C ARG A 91 13.15 21.17 30.58
N PRO A 92 14.35 20.75 31.04
CA PRO A 92 15.22 19.79 30.38
C PRO A 92 14.61 18.41 30.18
N ASP A 93 13.49 18.15 30.86
CA ASP A 93 12.84 16.85 30.74
C ASP A 93 11.87 16.83 29.56
N ARG A 94 11.65 18.00 28.96
CA ARG A 94 10.73 18.11 27.83
C ARG A 94 11.35 18.71 26.57
N PHE A 95 12.41 19.51 26.72
CA PHE A 95 13.03 20.14 25.57
C PHE A 95 14.50 19.81 25.32
N LEU A 96 14.82 19.59 24.05
CA LEU A 96 16.18 19.32 23.61
C LEU A 96 16.42 20.36 22.51
N ALA A 97 17.67 20.49 22.04
CA ALA A 97 17.95 21.51 21.04
C ALA A 97 18.86 21.15 19.87
N PHE A 98 18.56 21.78 18.73
CA PHE A 98 19.34 21.66 17.51
C PHE A 98 20.11 22.98 17.40
N ALA A 99 21.37 22.90 17.02
CA ALA A 99 22.18 24.11 16.89
C ALA A 99 21.94 24.87 15.57
N ALA A 100 22.02 26.19 15.66
CA ALA A 100 21.90 27.05 14.48
C ALA A 100 23.38 27.26 14.14
N LEU A 101 23.73 27.21 12.86
CA LEU A 101 25.13 27.35 12.47
C LEU A 101 25.44 28.39 11.41
N PRO A 102 26.51 29.16 11.60
CA PRO A 102 26.93 30.20 10.65
C PRO A 102 27.81 29.57 9.57
N LEU A 103 27.20 28.74 8.73
CA LEU A 103 27.93 28.04 7.69
C LEU A 103 28.53 28.90 6.57
N GLN A 104 28.34 30.22 6.62
CA GLN A 104 28.98 31.02 5.58
C GLN A 104 30.45 31.16 5.98
N ASP A 105 30.79 30.59 7.14
CA ASP A 105 32.16 30.56 7.66
C ASP A 105 32.36 29.15 8.22
N PRO A 106 32.79 28.21 7.36
CA PRO A 106 33.02 26.81 7.72
C PRO A 106 33.69 26.58 9.08
N ASP A 107 34.83 27.23 9.31
CA ASP A 107 35.53 27.06 10.58
C ASP A 107 34.71 27.53 11.78
N ALA A 108 34.04 28.66 11.63
CA ALA A 108 33.22 29.20 12.71
C ALA A 108 32.04 28.27 13.00
N ALA A 109 31.46 27.73 11.94
CA ALA A 109 30.32 26.82 12.09
C ALA A 109 30.77 25.56 12.83
N THR A 110 31.95 25.07 12.50
CA THR A 110 32.49 23.88 13.14
C THR A 110 32.69 24.14 14.62
N GLU A 111 33.24 25.31 14.95
CA GLU A 111 33.48 25.66 16.35
C GLU A 111 32.18 25.86 17.13
N GLU A 112 31.18 26.48 16.51
CA GLU A 112 29.91 26.71 17.19
C GLU A 112 29.21 25.38 17.42
N LEU A 113 29.32 24.45 16.47
CA LEU A 113 28.69 23.15 16.63
C LEU A 113 29.32 22.44 17.83
N GLN A 114 30.64 22.54 17.93
CA GLN A 114 31.35 21.91 19.04
C GLN A 114 30.90 22.51 20.36
N ARG A 115 30.74 23.84 20.39
CA ARG A 115 30.31 24.52 21.60
C ARG A 115 28.92 24.06 22.02
N CYS A 116 28.00 24.02 21.06
CA CYS A 116 26.62 23.60 21.34
C CYS A 116 26.51 22.18 21.85
N VAL A 117 27.22 21.28 21.21
CA VAL A 117 27.18 19.87 21.60
C VAL A 117 27.94 19.58 22.90
N ASN A 118 29.23 19.94 22.92
CA ASN A 118 30.05 19.68 24.10
C ASN A 118 29.74 20.51 25.34
N ASP A 119 29.36 21.77 25.17
CA ASP A 119 29.08 22.62 26.32
C ASP A 119 27.61 22.89 26.61
N LEU A 120 26.79 22.91 25.57
CA LEU A 120 25.36 23.18 25.77
C LEU A 120 24.52 21.91 25.72
N GLY A 121 25.14 20.80 25.37
CA GLY A 121 24.43 19.54 25.31
C GLY A 121 23.43 19.41 24.17
N PHE A 122 23.62 20.20 23.10
CA PHE A 122 22.70 20.11 21.97
C PHE A 122 22.84 18.73 21.33
N VAL A 123 21.76 18.27 20.70
CA VAL A 123 21.76 16.93 20.11
C VAL A 123 21.87 16.86 18.59
N GLY A 124 22.19 17.98 17.96
CA GLY A 124 22.34 17.98 16.51
C GLY A 124 22.32 19.40 15.97
N ALA A 125 22.21 19.52 14.65
CA ALA A 125 22.16 20.82 14.02
C ALA A 125 21.01 20.86 13.02
N LEU A 126 20.43 22.05 12.84
CA LEU A 126 19.36 22.23 11.86
C LEU A 126 19.77 23.45 11.04
N VAL A 127 19.91 23.24 9.73
CA VAL A 127 20.33 24.28 8.81
C VAL A 127 19.33 24.43 7.68
N ASN A 128 18.95 25.67 7.41
CA ASN A 128 17.97 25.97 6.38
C ASN A 128 18.56 26.06 4.97
N GLY A 129 18.96 24.92 4.44
CA GLY A 129 19.50 24.90 3.09
C GLY A 129 20.80 25.66 2.91
N PHE A 130 21.06 26.07 1.66
CA PHE A 130 22.28 26.78 1.31
C PHE A 130 22.50 28.08 2.07
N SER A 131 23.75 28.51 2.15
CA SER A 131 24.10 29.74 2.83
C SER A 131 24.41 30.83 1.81
N GLN A 132 24.28 32.08 2.25
CA GLN A 132 24.62 33.23 1.43
C GLN A 132 25.79 33.85 2.17
N GLU A 133 26.77 34.36 1.43
CA GLU A 133 27.95 34.97 2.05
C GLU A 133 28.50 36.08 1.16
N GLY A 134 29.06 37.11 1.79
CA GLY A 134 29.63 38.22 1.03
C GLY A 134 28.56 39.01 0.31
N ASP A 135 28.60 39.01 -1.03
CA ASP A 135 27.58 39.72 -1.78
C ASP A 135 26.26 38.96 -1.69
N GLY A 136 26.34 37.74 -1.17
CA GLY A 136 25.16 36.90 -0.96
C GLY A 136 24.36 36.52 -2.19
N GLN A 137 24.95 36.62 -3.37
CA GLN A 137 24.25 36.29 -4.61
C GLN A 137 24.53 34.89 -5.14
N THR A 138 25.25 34.09 -4.37
CA THR A 138 25.56 32.73 -4.79
C THR A 138 25.16 31.72 -3.73
N PRO A 139 24.29 30.77 -4.10
CA PRO A 139 23.87 29.77 -3.10
C PRO A 139 25.05 28.84 -2.80
N LEU A 140 25.39 28.72 -1.52
CA LEU A 140 26.50 27.88 -1.11
C LEU A 140 25.99 26.54 -0.59
N TYR A 141 26.20 25.48 -1.37
CA TYR A 141 25.76 24.15 -1.01
C TYR A 141 26.84 23.40 -0.23
N TYR A 142 26.41 22.53 0.69
CA TYR A 142 27.34 21.83 1.55
C TYR A 142 28.11 20.63 0.99
N ASP A 143 27.99 20.39 -0.31
CA ASP A 143 28.74 19.32 -0.95
C ASP A 143 30.07 19.89 -1.42
N LEU A 144 30.20 21.22 -1.35
CA LEU A 144 31.43 21.90 -1.77
C LEU A 144 32.62 21.51 -0.89
N PRO A 145 33.82 21.44 -1.48
CA PRO A 145 35.05 21.08 -0.78
C PRO A 145 35.34 21.76 0.56
N GLN A 146 35.07 23.06 0.66
CA GLN A 146 35.34 23.79 1.89
C GLN A 146 34.56 23.30 3.11
N TYR A 147 33.51 22.51 2.87
CA TYR A 147 32.71 21.99 3.98
C TYR A 147 33.09 20.58 4.43
N ARG A 148 34.05 19.97 3.76
CA ARG A 148 34.45 18.62 4.15
C ARG A 148 34.95 18.54 5.60
N PRO A 149 35.78 19.50 6.02
CA PRO A 149 36.27 19.44 7.41
C PRO A 149 35.10 19.49 8.39
N PHE A 150 34.13 20.34 8.09
CA PHE A 150 32.94 20.49 8.92
C PHE A 150 32.21 19.16 9.06
N TRP A 151 31.97 18.50 7.92
CA TRP A 151 31.28 17.22 7.92
C TRP A 151 32.06 16.19 8.73
N GLY A 152 33.39 16.26 8.66
CA GLY A 152 34.21 15.33 9.41
C GLY A 152 34.00 15.51 10.90
N GLU A 153 33.78 16.76 11.31
CA GLU A 153 33.56 17.06 12.72
C GLU A 153 32.14 16.64 13.13
N VAL A 154 31.19 16.77 12.20
CA VAL A 154 29.83 16.36 12.49
C VAL A 154 29.83 14.86 12.77
N GLU A 155 30.55 14.12 11.94
CA GLU A 155 30.63 12.67 12.12
C GLU A 155 31.35 12.33 13.41
N LYS A 156 32.42 13.06 13.72
CA LYS A 156 33.17 12.82 14.96
C LYS A 156 32.29 13.03 16.18
N LEU A 157 31.54 14.12 16.18
CA LEU A 157 30.64 14.44 17.30
C LEU A 157 29.50 13.42 17.33
N ASP A 158 29.21 12.86 16.16
CA ASP A 158 28.15 11.87 16.00
C ASP A 158 26.77 12.38 16.38
N VAL A 159 26.37 13.51 15.78
CA VAL A 159 25.05 14.09 16.00
C VAL A 159 24.44 14.32 14.62
N PRO A 160 23.11 14.16 14.50
CA PRO A 160 22.43 14.33 13.21
C PRO A 160 22.42 15.76 12.68
N PHE A 161 22.26 15.88 11.37
CA PHE A 161 22.21 17.16 10.69
C PHE A 161 20.85 17.22 9.97
N TYR A 162 20.00 18.15 10.40
CA TYR A 162 18.67 18.29 9.80
C TYR A 162 18.75 19.34 8.68
N LEU A 163 18.63 18.88 7.44
CA LEU A 163 18.68 19.78 6.28
C LEU A 163 17.25 20.27 6.04
N HIS A 164 16.97 21.46 6.55
CA HIS A 164 15.65 22.10 6.47
C HIS A 164 15.54 22.99 5.23
N PRO A 165 14.30 23.27 4.78
CA PRO A 165 14.11 24.11 3.59
C PRO A 165 14.35 25.61 3.75
N ARG A 166 14.43 26.26 2.59
CA ARG A 166 14.54 27.70 2.45
C ARG A 166 14.16 27.91 1.00
N ASN A 167 13.83 29.13 0.62
CA ASN A 167 13.47 29.41 -0.76
C ASN A 167 14.73 29.72 -1.55
N PRO A 168 14.70 29.48 -2.86
CA PRO A 168 15.89 29.78 -3.67
C PRO A 168 15.98 31.31 -3.80
N LEU A 169 17.12 31.80 -4.26
CA LEU A 169 17.27 33.24 -4.46
C LEU A 169 16.41 33.61 -5.68
N PRO A 170 15.96 34.87 -5.75
CA PRO A 170 15.12 35.32 -6.87
C PRO A 170 15.62 34.99 -8.27
N GLN A 171 16.91 35.18 -8.51
CA GLN A 171 17.49 34.89 -9.82
C GLN A 171 17.48 33.40 -10.14
N ASP A 172 17.25 32.58 -9.12
CA ASP A 172 17.19 31.14 -9.28
C ASP A 172 15.75 30.66 -9.06
N SER A 173 14.80 31.57 -9.24
CA SER A 173 13.39 31.28 -9.03
C SER A 173 12.49 31.69 -10.20
N ARG A 174 13.06 31.92 -11.38
CA ARG A 174 12.25 32.36 -12.51
C ARG A 174 11.10 31.43 -12.86
N ILE A 175 11.24 30.14 -12.57
CA ILE A 175 10.18 29.20 -12.89
C ILE A 175 8.93 29.51 -12.06
N TYR A 176 9.10 30.26 -10.96
CA TYR A 176 7.99 30.62 -10.09
C TYR A 176 7.53 32.06 -10.33
N ASP A 177 8.13 32.73 -11.30
CA ASP A 177 7.74 34.12 -11.56
C ASP A 177 6.25 34.25 -11.86
N GLY A 178 5.59 35.14 -11.12
CA GLY A 178 4.16 35.35 -11.31
C GLY A 178 3.34 34.40 -10.45
N HIS A 179 4.02 33.48 -9.78
CA HIS A 179 3.34 32.50 -8.93
C HIS A 179 4.00 32.43 -7.55
N PRO A 180 3.92 33.53 -6.77
CA PRO A 180 4.53 33.52 -5.44
C PRO A 180 3.95 32.46 -4.51
N TRP A 181 2.75 31.99 -4.84
CA TRP A 181 2.07 30.96 -4.06
C TRP A 181 2.72 29.59 -4.22
N LEU A 182 3.66 29.48 -5.16
CA LEU A 182 4.36 28.20 -5.37
C LEU A 182 5.66 28.15 -4.58
N LEU A 183 6.08 29.30 -4.06
CA LEU A 183 7.28 29.38 -3.25
C LEU A 183 6.91 28.85 -1.87
N GLY A 184 7.90 28.64 -1.02
CA GLY A 184 7.61 28.17 0.33
C GLY A 184 7.18 26.71 0.42
N PRO A 185 6.39 26.37 1.46
CA PRO A 185 5.93 25.00 1.69
C PRO A 185 5.05 24.37 0.61
N THR A 186 4.47 25.19 -0.26
CA THR A 186 3.63 24.65 -1.33
C THR A 186 4.46 23.76 -2.26
N TRP A 187 5.66 24.21 -2.61
CA TRP A 187 6.52 23.43 -3.51
C TRP A 187 8.00 23.78 -3.50
N ALA A 188 8.33 25.06 -3.68
CA ALA A 188 9.72 25.49 -3.74
C ALA A 188 10.62 24.93 -2.62
N PHE A 189 10.09 24.89 -1.39
CA PHE A 189 10.85 24.35 -0.27
C PHE A 189 11.32 22.92 -0.54
N ALA A 190 10.42 22.09 -1.06
CA ALA A 190 10.73 20.70 -1.35
C ALA A 190 11.80 20.52 -2.44
N GLN A 191 11.61 21.20 -3.57
CA GLN A 191 12.57 21.11 -4.67
C GLN A 191 13.96 21.52 -4.20
N GLU A 192 14.05 22.68 -3.53
CA GLU A 192 15.32 23.18 -3.05
C GLU A 192 16.04 22.20 -2.13
N THR A 193 15.29 21.59 -1.21
CA THR A 193 15.86 20.66 -0.25
C THR A 193 16.18 19.29 -0.82
N ALA A 194 15.31 18.79 -1.69
CA ALA A 194 15.53 17.49 -2.32
C ALA A 194 16.82 17.51 -3.14
N VAL A 195 17.01 18.56 -3.94
CA VAL A 195 18.22 18.65 -4.75
C VAL A 195 19.46 18.84 -3.87
N HIS A 196 19.37 19.65 -2.82
CA HIS A 196 20.53 19.85 -1.96
C HIS A 196 20.92 18.48 -1.40
N ALA A 197 19.93 17.68 -1.02
CA ALA A 197 20.21 16.35 -0.47
C ALA A 197 20.90 15.48 -1.52
N LEU A 198 20.40 15.54 -2.75
CA LEU A 198 20.99 14.75 -3.83
C LEU A 198 22.42 15.19 -4.11
N ARG A 199 22.69 16.49 -3.99
CA ARG A 199 24.05 16.98 -4.21
C ARG A 199 24.99 16.35 -3.19
N LEU A 200 24.55 16.27 -1.93
CA LEU A 200 25.38 15.67 -0.89
C LEU A 200 25.69 14.23 -1.24
N MET A 201 24.65 13.49 -1.65
CA MET A 201 24.82 12.09 -2.01
C MET A 201 25.77 11.91 -3.19
N ALA A 202 25.52 12.65 -4.27
CA ALA A 202 26.33 12.54 -5.48
C ALA A 202 27.80 12.88 -5.26
N SER A 203 28.05 13.80 -4.34
CA SER A 203 29.41 14.27 -4.05
C SER A 203 30.35 13.23 -3.47
N GLY A 204 29.79 12.14 -2.94
CA GLY A 204 30.63 11.10 -2.35
C GLY A 204 30.84 11.35 -0.87
N LEU A 205 30.16 12.35 -0.35
CA LEU A 205 30.27 12.72 1.06
C LEU A 205 30.06 11.53 1.99
N PHE A 206 29.09 10.68 1.66
CA PHE A 206 28.80 9.54 2.51
C PHE A 206 29.73 8.34 2.32
N ASP A 207 30.63 8.42 1.35
CA ASP A 207 31.61 7.36 1.16
C ASP A 207 32.72 7.74 2.15
N GLU A 208 33.02 9.03 2.20
CA GLU A 208 34.06 9.58 3.07
C GLU A 208 33.64 9.60 4.53
N HIS A 209 32.36 9.86 4.79
CA HIS A 209 31.84 9.93 6.15
C HIS A 209 30.54 9.13 6.19
N PRO A 210 30.64 7.80 6.12
CA PRO A 210 29.51 6.88 6.15
C PRO A 210 28.65 6.84 7.40
N ARG A 211 29.15 7.40 8.51
CA ARG A 211 28.39 7.38 9.76
C ARG A 211 27.49 8.60 9.93
N LEU A 212 27.49 9.49 8.94
CA LEU A 212 26.65 10.69 9.02
C LEU A 212 25.17 10.34 8.97
N ASN A 213 24.39 11.11 9.73
CA ASN A 213 22.95 10.95 9.79
C ASN A 213 22.32 12.27 9.36
N ILE A 214 21.65 12.28 8.21
CA ILE A 214 21.00 13.47 7.70
C ILE A 214 19.50 13.27 7.86
N ILE A 215 18.80 14.32 8.27
CA ILE A 215 17.36 14.25 8.47
C ILE A 215 16.66 15.24 7.53
N LEU A 216 15.58 14.79 6.91
CA LEU A 216 14.78 15.64 6.02
C LEU A 216 13.35 15.64 6.53
N GLY A 217 12.70 16.79 6.48
CA GLY A 217 11.31 16.85 6.92
C GLY A 217 10.39 16.68 5.74
N HIS A 218 9.09 16.91 5.98
CA HIS A 218 8.09 16.85 4.94
C HIS A 218 8.13 15.57 4.13
N MET A 219 8.35 14.47 4.84
CA MET A 219 8.43 13.13 4.29
C MET A 219 9.44 12.94 3.16
N GLY A 220 10.62 13.54 3.34
CA GLY A 220 11.65 13.37 2.34
C GLY A 220 11.64 14.33 1.17
N GLU A 221 10.85 15.39 1.27
CA GLU A 221 10.79 16.40 0.22
C GLU A 221 10.50 15.83 -1.17
N GLY A 222 9.74 14.74 -1.21
CA GLY A 222 9.36 14.11 -2.48
C GLY A 222 10.26 13.00 -2.97
N LEU A 223 11.43 12.84 -2.35
CA LEU A 223 12.40 11.84 -2.78
C LEU A 223 11.95 10.38 -2.87
N PRO A 224 11.29 9.84 -1.84
CA PRO A 224 10.87 8.44 -1.92
C PRO A 224 10.11 7.99 -3.18
N TYR A 225 9.15 8.80 -3.62
CA TYR A 225 8.32 8.48 -4.78
C TYR A 225 9.10 8.37 -6.09
N MET A 226 10.14 9.20 -6.21
CA MET A 226 10.94 9.22 -7.43
C MET A 226 12.32 8.57 -7.30
N MET A 227 12.63 8.02 -6.12
CA MET A 227 13.95 7.42 -5.90
C MET A 227 14.35 6.35 -6.91
N TRP A 228 13.41 5.48 -7.28
CA TRP A 228 13.74 4.44 -8.25
C TRP A 228 14.21 5.09 -9.56
N ARG A 229 13.43 6.06 -10.05
CA ARG A 229 13.76 6.75 -11.29
C ARG A 229 15.10 7.48 -11.23
N ILE A 230 15.39 8.11 -10.09
CA ILE A 230 16.65 8.84 -9.92
C ILE A 230 17.87 7.99 -10.31
N ASP A 231 17.85 6.70 -9.95
CA ASP A 231 18.96 5.80 -10.25
C ASP A 231 18.76 4.98 -11.52
N HIS A 232 17.52 4.53 -11.73
CA HIS A 232 17.22 3.64 -12.84
C HIS A 232 16.73 4.19 -14.17
N ARG A 233 16.61 5.51 -14.30
CA ARG A 233 16.17 6.08 -15.56
C ARG A 233 17.13 5.58 -16.65
N ASN A 234 16.60 5.32 -17.85
CA ASN A 234 17.41 4.84 -18.98
C ASN A 234 18.28 3.65 -18.59
N ALA A 235 17.69 2.68 -17.90
CA ALA A 235 18.42 1.51 -17.43
C ALA A 235 19.14 0.71 -18.52
N TRP A 236 18.66 0.77 -19.76
CA TRP A 236 19.29 0.01 -20.82
C TRP A 236 20.73 0.43 -21.10
N VAL A 237 21.09 1.63 -20.67
CA VAL A 237 22.47 2.11 -20.85
C VAL A 237 23.29 1.51 -19.73
N LYS A 238 24.08 0.49 -20.06
CA LYS A 238 24.90 -0.20 -19.07
C LYS A 238 26.27 0.43 -18.88
N LEU A 239 26.28 1.61 -18.29
CA LEU A 239 27.52 2.35 -18.00
C LEU A 239 27.34 3.02 -16.65
N PRO A 240 28.40 3.03 -15.82
CA PRO A 240 28.29 3.65 -14.50
C PRO A 240 27.98 5.15 -14.55
N PRO A 241 27.33 5.67 -13.50
CA PRO A 241 26.99 7.09 -13.44
C PRO A 241 28.24 7.95 -13.46
N ARG A 242 28.09 9.24 -13.75
CA ARG A 242 29.24 10.12 -13.85
C ARG A 242 29.64 10.88 -12.58
N TYR A 243 28.82 10.80 -11.53
CA TYR A 243 29.14 11.50 -10.30
C TYR A 243 30.27 10.80 -9.54
N PRO A 244 30.94 11.51 -8.63
CA PRO A 244 32.04 10.93 -7.86
C PRO A 244 31.70 9.85 -6.83
N ALA A 245 30.47 9.85 -6.30
CA ALA A 245 30.09 8.84 -5.32
C ALA A 245 30.28 7.44 -5.91
N LYS A 246 30.63 6.48 -5.06
CA LYS A 246 30.88 5.11 -5.50
C LYS A 246 29.63 4.24 -5.68
N ARG A 247 28.54 4.62 -5.02
CA ARG A 247 27.31 3.82 -5.10
C ARG A 247 26.10 4.57 -5.65
N ARG A 248 24.91 4.04 -5.42
CA ARG A 248 23.68 4.64 -5.93
C ARG A 248 22.99 5.60 -4.97
N PHE A 249 22.18 6.51 -5.50
CA PHE A 249 21.47 7.46 -4.67
C PHE A 249 20.63 6.71 -3.65
N MET A 250 19.98 5.64 -4.08
CA MET A 250 19.15 4.87 -3.16
C MET A 250 19.96 4.30 -2.00
N ASP A 251 21.23 3.98 -2.24
CA ASP A 251 22.07 3.44 -1.18
C ASP A 251 22.31 4.47 -0.08
N TYR A 252 22.65 5.69 -0.46
CA TYR A 252 22.91 6.73 0.52
C TYR A 252 21.61 7.17 1.20
N PHE A 253 20.52 7.22 0.45
CA PHE A 253 19.24 7.62 1.01
C PHE A 253 18.83 6.57 2.06
N ASN A 254 18.97 5.30 1.72
CA ASN A 254 18.59 4.22 2.62
C ASN A 254 19.49 4.08 3.84
N GLU A 255 20.76 4.42 3.70
CA GLU A 255 21.73 4.27 4.78
C GLU A 255 22.10 5.49 5.61
N ASN A 256 21.97 6.68 5.02
CA ASN A 256 22.36 7.89 5.72
C ASN A 256 21.25 8.89 6.02
N PHE A 257 20.04 8.62 5.56
CA PHE A 257 18.93 9.54 5.78
C PHE A 257 17.79 9.01 6.62
N HIS A 258 17.07 9.96 7.21
CA HIS A 258 15.87 9.71 8.02
C HIS A 258 14.92 10.82 7.55
N ILE A 259 13.62 10.54 7.53
CA ILE A 259 12.67 11.56 7.12
C ILE A 259 11.63 11.72 8.21
N THR A 260 11.06 12.92 8.33
CA THR A 260 10.03 13.15 9.35
C THR A 260 8.70 13.45 8.69
N THR A 261 7.63 13.39 9.49
CA THR A 261 6.28 13.64 9.00
C THR A 261 5.88 15.11 9.04
N SER A 262 6.83 16.00 9.32
CA SER A 262 6.51 17.41 9.42
C SER A 262 5.74 17.96 8.23
N GLY A 263 4.64 18.66 8.52
CA GLY A 263 3.82 19.25 7.48
C GLY A 263 3.39 18.36 6.33
N ASN A 264 3.32 17.05 6.55
CA ASN A 264 2.90 16.13 5.50
C ASN A 264 2.12 14.99 6.15
N PHE A 265 0.94 15.33 6.65
CA PHE A 265 0.06 14.41 7.36
C PHE A 265 -0.82 13.67 6.36
N ARG A 266 -0.18 12.82 5.57
CA ARG A 266 -0.88 12.08 4.53
C ARG A 266 -0.54 10.60 4.61
N THR A 267 -1.54 9.78 4.88
CA THR A 267 -1.33 8.35 5.03
C THR A 267 -0.75 7.68 3.78
N GLN A 268 -1.25 8.03 2.61
CA GLN A 268 -0.75 7.43 1.37
C GLN A 268 0.76 7.67 1.22
N THR A 269 1.17 8.89 1.55
CA THR A 269 2.57 9.28 1.46
C THR A 269 3.40 8.47 2.47
N LEU A 270 2.86 8.26 3.66
CA LEU A 270 3.56 7.50 4.69
C LEU A 270 3.72 6.04 4.25
N ILE A 271 2.68 5.49 3.63
CA ILE A 271 2.73 4.11 3.17
C ILE A 271 3.82 3.98 2.09
N ASP A 272 3.85 4.92 1.15
CA ASP A 272 4.89 4.84 0.12
C ASP A 272 6.27 4.88 0.77
N ALA A 273 6.45 5.79 1.73
CA ALA A 273 7.75 5.90 2.41
C ALA A 273 8.11 4.62 3.17
N ILE A 274 7.13 3.99 3.78
CA ILE A 274 7.39 2.76 4.51
C ILE A 274 7.87 1.67 3.56
N LEU A 275 7.34 1.68 2.34
CA LEU A 275 7.71 0.69 1.33
C LEU A 275 8.97 1.09 0.54
N GLU A 276 9.54 2.25 0.85
CA GLU A 276 10.75 2.70 0.17
C GLU A 276 11.95 2.82 1.12
N ILE A 277 11.80 3.59 2.19
CA ILE A 277 12.90 3.77 3.14
C ILE A 277 12.73 2.90 4.39
N GLY A 278 11.50 2.48 4.68
CA GLY A 278 11.25 1.65 5.85
C GLY A 278 10.84 2.42 7.09
N ALA A 279 9.98 1.82 7.90
CA ALA A 279 9.50 2.46 9.12
C ALA A 279 10.61 2.81 10.11
N ASP A 280 11.72 2.09 10.07
CA ASP A 280 12.82 2.37 11.00
C ASP A 280 13.49 3.72 10.74
N ARG A 281 13.23 4.32 9.59
CA ARG A 281 13.83 5.60 9.26
C ARG A 281 12.84 6.75 9.04
N ILE A 282 11.67 6.62 9.64
CA ILE A 282 10.63 7.66 9.54
C ILE A 282 10.38 8.12 10.97
N LEU A 283 10.32 9.44 11.16
CA LEU A 283 10.13 10.02 12.49
C LEU A 283 8.97 10.99 12.55
N PHE A 284 8.23 10.96 13.65
CA PHE A 284 7.12 11.90 13.83
C PHE A 284 7.70 13.30 14.04
N SER A 285 7.00 14.30 13.52
CA SER A 285 7.37 15.72 13.67
C SER A 285 6.16 16.53 13.20
N THR A 286 6.04 17.78 13.64
CA THR A 286 4.87 18.58 13.28
C THR A 286 5.06 19.82 12.43
N ASP A 287 6.17 20.51 12.65
CA ASP A 287 6.51 21.77 11.96
C ASP A 287 5.79 22.92 12.66
N TRP A 288 5.48 22.71 13.94
CA TRP A 288 4.85 23.75 14.75
C TRP A 288 5.90 24.87 14.74
N PRO A 289 5.47 26.15 14.77
CA PRO A 289 4.10 26.68 14.82
C PRO A 289 3.46 26.92 13.45
N PHE A 290 4.13 26.49 12.39
CA PHE A 290 3.61 26.66 11.04
C PHE A 290 2.49 25.66 10.76
N GLU A 291 2.45 24.60 11.56
CA GLU A 291 1.40 23.57 11.49
C GLU A 291 0.89 23.41 12.91
N ASN A 292 -0.39 23.12 13.05
CA ASN A 292 -0.98 22.91 14.38
C ASN A 292 -0.54 21.56 14.94
N ILE A 293 -0.16 21.56 16.21
CA ILE A 293 0.27 20.32 16.86
C ILE A 293 -0.84 19.28 16.89
N ASP A 294 -2.08 19.71 17.09
CA ASP A 294 -3.19 18.77 17.13
C ASP A 294 -3.44 18.15 15.75
N HIS A 295 -3.19 18.91 14.69
CA HIS A 295 -3.37 18.40 13.35
C HIS A 295 -2.40 17.23 13.13
N ALA A 296 -1.15 17.45 13.50
CA ALA A 296 -0.12 16.43 13.34
C ALA A 296 -0.37 15.21 14.21
N SER A 297 -0.67 15.43 15.48
CA SER A 297 -0.90 14.34 16.41
C SER A 297 -2.16 13.52 16.11
N ASP A 298 -3.26 14.21 15.81
CA ASP A 298 -4.49 13.51 15.51
C ASP A 298 -4.31 12.62 14.27
N TRP A 299 -3.66 13.16 13.25
CA TRP A 299 -3.44 12.36 12.05
C TRP A 299 -2.56 11.15 12.38
N PHE A 300 -1.41 11.40 13.00
CA PHE A 300 -0.49 10.33 13.31
C PHE A 300 -1.05 9.24 14.23
N ASN A 301 -1.88 9.63 15.19
CA ASN A 301 -2.46 8.65 16.10
C ASN A 301 -3.37 7.66 15.39
N ALA A 302 -3.95 8.08 14.27
CA ALA A 302 -4.86 7.23 13.52
C ALA A 302 -4.39 6.73 12.16
N THR A 303 -3.20 7.12 11.72
CA THR A 303 -2.74 6.68 10.41
C THR A 303 -2.64 5.15 10.33
N SER A 304 -2.89 4.64 9.13
CA SER A 304 -2.96 3.21 8.85
C SER A 304 -1.65 2.43 8.76
N ILE A 305 -1.01 2.23 9.90
CA ILE A 305 0.25 1.49 9.98
C ILE A 305 0.18 0.53 11.15
N ALA A 306 1.16 -0.37 11.25
CA ALA A 306 1.18 -1.32 12.36
C ALA A 306 1.41 -0.56 13.66
N GLU A 307 0.76 -1.00 14.74
CA GLU A 307 0.94 -0.32 16.01
C GLU A 307 2.41 -0.31 16.43
N ALA A 308 3.13 -1.39 16.09
CA ALA A 308 4.54 -1.49 16.44
C ALA A 308 5.31 -0.37 15.73
N ASP A 309 4.91 -0.05 14.50
CA ASP A 309 5.56 1.01 13.75
C ASP A 309 5.12 2.39 14.24
N ARG A 310 3.92 2.47 14.79
CA ARG A 310 3.45 3.75 15.31
C ARG A 310 4.35 4.12 16.50
N VAL A 311 4.69 3.12 17.31
CA VAL A 311 5.56 3.37 18.46
C VAL A 311 6.96 3.75 18.00
N LYS A 312 7.46 3.07 16.97
CA LYS A 312 8.79 3.39 16.46
C LYS A 312 8.86 4.78 15.84
N ILE A 313 7.96 5.06 14.90
CA ILE A 313 7.93 6.36 14.24
C ILE A 313 7.59 7.48 15.21
N GLY A 314 6.69 7.22 16.14
CA GLY A 314 6.31 8.26 17.08
C GLY A 314 7.28 8.53 18.22
N ARG A 315 8.09 7.54 18.58
CA ARG A 315 8.99 7.71 19.71
C ARG A 315 10.35 7.01 19.71
N THR A 316 10.36 5.69 19.58
CA THR A 316 11.63 4.97 19.67
C THR A 316 12.67 5.18 18.58
N ASN A 317 12.27 5.51 17.35
CA ASN A 317 13.29 5.75 16.33
C ASN A 317 14.10 6.99 16.74
N ALA A 318 13.39 8.02 17.21
CA ALA A 318 14.04 9.26 17.64
C ALA A 318 14.92 9.03 18.86
N ARG A 319 14.41 8.32 19.86
CA ARG A 319 15.20 8.07 21.06
C ARG A 319 16.47 7.30 20.73
N ARG A 320 16.41 6.42 19.74
CA ARG A 320 17.60 5.66 19.34
C ARG A 320 18.57 6.57 18.59
N LEU A 321 18.03 7.35 17.66
CA LEU A 321 18.86 8.24 16.86
C LEU A 321 19.59 9.27 17.70
N PHE A 322 18.92 9.83 18.70
CA PHE A 322 19.54 10.84 19.55
C PHE A 322 20.12 10.32 20.87
N LYS A 323 20.28 9.01 20.95
CA LYS A 323 20.84 8.36 22.13
C LYS A 323 20.19 8.82 23.43
N LEU A 324 18.87 8.75 23.49
CA LEU A 324 18.15 9.18 24.68
C LEU A 324 17.89 8.06 25.68
N ASP A 325 18.31 6.85 25.32
CA ASP A 325 18.12 5.70 26.20
C ASP A 325 19.45 5.33 26.88
N MET B 1 0.49 -9.15 -20.61
CA MET B 1 -0.73 -8.50 -21.17
C MET B 1 -0.54 -8.11 -22.63
N GLN B 2 -1.53 -8.42 -23.45
CA GLN B 2 -1.48 -8.08 -24.87
C GLN B 2 -2.45 -6.93 -25.14
N GLY B 3 -2.33 -6.31 -26.31
CA GLY B 3 -3.21 -5.22 -26.68
C GLY B 3 -3.02 -3.93 -25.90
N LYS B 4 -1.83 -3.70 -25.38
CA LYS B 4 -1.57 -2.48 -24.62
C LYS B 4 -1.47 -1.26 -25.53
N VAL B 5 -1.67 -0.08 -24.93
CA VAL B 5 -1.55 1.18 -25.64
C VAL B 5 -0.42 1.91 -24.91
N ALA B 6 0.52 2.47 -25.67
CA ALA B 6 1.65 3.20 -25.07
C ALA B 6 1.66 4.57 -25.73
N LEU B 7 1.83 5.63 -24.93
CA LEU B 7 1.79 6.97 -25.51
C LEU B 7 2.90 7.97 -25.24
N GLU B 8 4.05 7.52 -24.76
CA GLU B 8 5.19 8.43 -24.62
C GLU B 8 6.28 7.65 -25.32
N GLU B 9 6.13 7.57 -26.64
CA GLU B 9 7.02 6.82 -27.50
C GLU B 9 7.53 7.79 -28.55
N HIS B 10 8.84 8.03 -28.54
CA HIS B 10 9.45 9.02 -29.42
C HIS B 10 10.16 8.58 -30.68
N PHE B 11 10.31 9.55 -31.57
CA PHE B 11 10.99 9.38 -32.84
C PHE B 11 11.60 10.75 -33.13
N ALA B 12 12.50 10.81 -34.10
CA ALA B 12 13.12 12.07 -34.45
C ALA B 12 13.25 12.17 -35.96
N ILE B 13 13.44 13.39 -36.44
CA ILE B 13 13.65 13.63 -37.86
C ILE B 13 15.07 14.15 -37.90
N PRO B 14 15.74 14.11 -39.06
CA PRO B 14 17.11 14.60 -39.13
C PRO B 14 17.33 15.95 -38.44
N GLU B 15 16.40 16.88 -38.63
CA GLU B 15 16.51 18.21 -38.06
C GLU B 15 16.50 18.30 -36.52
N THR B 16 15.97 17.28 -35.87
CA THR B 16 15.90 17.30 -34.41
C THR B 16 16.72 16.20 -33.75
N LEU B 17 17.30 15.32 -34.57
CA LEU B 17 18.09 14.21 -34.07
C LEU B 17 19.15 14.61 -33.04
N GLN B 18 19.92 15.64 -33.34
CA GLN B 18 20.98 16.08 -32.43
C GLN B 18 20.54 16.49 -31.03
N ASP B 19 19.25 16.81 -30.87
CA ASP B 19 18.75 17.20 -29.56
C ASP B 19 18.88 16.07 -28.54
N SER B 20 18.94 14.84 -29.02
CA SER B 20 19.03 13.69 -28.12
C SER B 20 20.46 13.21 -27.85
N ALA B 21 21.42 13.80 -28.56
CA ALA B 21 22.83 13.42 -28.42
C ALA B 21 23.38 13.52 -27.00
N GLY B 22 23.07 14.61 -26.31
CA GLY B 22 23.58 14.81 -24.96
C GLY B 22 22.77 14.16 -23.85
N PHE B 23 22.17 13.01 -24.13
CA PHE B 23 21.37 12.32 -23.14
C PHE B 23 21.79 10.88 -22.91
N VAL B 24 22.81 10.45 -23.64
CA VAL B 24 23.36 9.10 -23.52
C VAL B 24 24.85 9.15 -23.80
N PRO B 25 25.62 8.22 -23.22
CA PRO B 25 27.06 8.21 -23.46
C PRO B 25 27.35 8.04 -24.94
N GLY B 26 28.46 8.62 -25.40
CA GLY B 26 28.81 8.53 -26.80
C GLY B 26 28.78 7.12 -27.38
N ASP B 27 29.05 6.14 -26.53
CA ASP B 27 29.08 4.74 -26.96
C ASP B 27 27.69 4.21 -27.32
N TYR B 28 26.66 4.89 -26.84
CA TYR B 28 25.28 4.49 -27.09
C TYR B 28 24.54 5.41 -28.06
N TRP B 29 25.24 6.44 -28.54
CA TRP B 29 24.64 7.41 -29.46
C TRP B 29 24.21 6.80 -30.79
N LYS B 30 25.03 5.93 -31.35
CA LYS B 30 24.70 5.29 -32.62
C LYS B 30 23.40 4.51 -32.50
N GLU B 31 23.28 3.72 -31.43
CA GLU B 31 22.09 2.92 -31.20
C GLU B 31 20.86 3.79 -30.97
N LEU B 32 20.99 4.82 -30.13
CA LEU B 32 19.87 5.71 -29.86
C LEU B 32 19.38 6.37 -31.13
N GLN B 33 20.32 6.77 -32.01
CA GLN B 33 19.93 7.39 -33.27
C GLN B 33 19.12 6.41 -34.10
N HIS B 34 19.61 5.18 -34.22
CA HIS B 34 18.89 4.15 -34.97
C HIS B 34 17.48 3.98 -34.44
N ARG B 35 17.35 3.92 -33.11
CA ARG B 35 16.04 3.75 -32.49
C ARG B 35 15.10 4.91 -32.81
N LEU B 36 15.62 6.13 -32.69
CA LEU B 36 14.82 7.32 -32.96
C LEU B 36 14.33 7.44 -34.40
N LEU B 37 15.14 6.97 -35.34
CA LEU B 37 14.76 7.06 -36.75
C LEU B 37 13.91 5.89 -37.20
N ASP B 38 14.00 4.77 -36.48
CA ASP B 38 13.23 3.59 -36.83
C ASP B 38 11.82 3.58 -36.27
N ILE B 39 10.84 3.37 -37.15
CA ILE B 39 9.45 3.32 -36.75
C ILE B 39 8.76 2.06 -37.25
N GLN B 40 9.05 1.68 -38.49
CA GLN B 40 8.42 0.53 -39.12
C GLN B 40 9.06 -0.84 -38.91
N ASP B 41 10.34 -0.87 -38.56
CA ASP B 41 11.01 -2.16 -38.42
C ASP B 41 11.20 -2.69 -37.01
N THR B 42 12.33 -2.40 -36.39
CA THR B 42 12.60 -2.90 -35.04
C THR B 42 11.50 -2.51 -34.05
N ARG B 43 11.04 -1.27 -34.12
CA ARG B 43 10.00 -0.79 -33.22
C ARG B 43 8.75 -1.66 -33.26
N LEU B 44 8.29 -1.98 -34.46
CA LEU B 44 7.09 -2.80 -34.61
C LEU B 44 7.32 -4.22 -34.10
N LYS B 45 8.52 -4.75 -34.32
CA LYS B 45 8.82 -6.10 -33.86
C LYS B 45 8.83 -6.16 -32.33
N LEU B 46 9.26 -5.07 -31.70
CA LEU B 46 9.30 -5.01 -30.24
C LEU B 46 7.87 -4.90 -29.71
N MET B 47 7.04 -4.16 -30.43
CA MET B 47 5.64 -4.01 -30.03
C MET B 47 4.95 -5.37 -30.08
N ASP B 48 5.23 -6.15 -31.13
CA ASP B 48 4.63 -7.48 -31.27
C ASP B 48 5.11 -8.43 -30.19
N ALA B 49 6.37 -8.33 -29.82
CA ALA B 49 6.94 -9.22 -28.81
C ALA B 49 6.52 -8.85 -27.40
N HIS B 50 6.14 -7.59 -27.21
CA HIS B 50 5.76 -7.14 -25.87
C HIS B 50 4.34 -6.65 -25.66
N GLY B 51 3.42 -7.26 -26.39
CA GLY B 51 2.01 -6.94 -26.26
C GLY B 51 1.53 -5.50 -26.37
N ILE B 52 2.12 -4.73 -27.30
CA ILE B 52 1.70 -3.36 -27.51
C ILE B 52 1.01 -3.28 -28.87
N GLU B 53 -0.29 -3.04 -28.85
CA GLU B 53 -1.07 -2.94 -30.08
C GLU B 53 -0.99 -1.55 -30.69
N THR B 54 -1.14 -0.53 -29.85
CA THR B 54 -1.14 0.85 -30.31
C THR B 54 -0.02 1.67 -29.70
N MET B 55 0.72 2.39 -30.56
CA MET B 55 1.77 3.26 -30.08
C MET B 55 1.46 4.66 -30.59
N ILE B 56 1.28 5.60 -29.66
CA ILE B 56 1.00 6.98 -30.05
C ILE B 56 2.35 7.67 -30.05
N LEU B 57 2.84 7.98 -31.24
CA LEU B 57 4.15 8.57 -31.47
C LEU B 57 4.24 10.07 -31.28
N SER B 58 5.43 10.53 -30.88
CA SER B 58 5.70 11.95 -30.69
C SER B 58 7.17 12.25 -30.98
N LEU B 59 7.41 13.47 -31.44
CA LEU B 59 8.75 13.94 -31.75
C LEU B 59 9.57 13.97 -30.46
N ASN B 60 10.89 13.93 -30.60
CA ASN B 60 11.78 13.94 -29.44
C ASN B 60 11.86 15.32 -28.78
N ALA B 61 12.72 15.46 -27.77
CA ALA B 61 12.82 16.73 -27.04
C ALA B 61 14.23 17.31 -26.98
N PRO B 62 14.34 18.64 -26.83
CA PRO B 62 13.23 19.61 -26.73
C PRO B 62 12.63 19.98 -28.08
N ALA B 63 13.34 19.63 -29.15
CA ALA B 63 12.87 19.90 -30.50
C ALA B 63 12.32 21.31 -30.73
N VAL B 64 11.06 21.39 -31.18
CA VAL B 64 10.44 22.68 -31.50
C VAL B 64 10.45 23.72 -30.37
N GLN B 65 10.34 23.28 -29.13
CA GLN B 65 10.35 24.22 -28.02
C GLN B 65 11.70 24.91 -27.84
N ALA B 66 12.73 24.40 -28.49
CA ALA B 66 14.07 24.99 -28.38
C ALA B 66 14.49 25.78 -29.61
N ILE B 67 13.55 26.05 -30.52
CA ILE B 67 13.83 26.83 -31.72
C ILE B 67 13.30 28.25 -31.51
N PRO B 68 14.21 29.20 -31.18
CA PRO B 68 13.85 30.60 -30.92
C PRO B 68 13.18 31.37 -32.06
N ASP B 69 13.54 31.07 -33.30
CA ASP B 69 12.94 31.76 -34.43
C ASP B 69 11.57 31.20 -34.79
N ARG B 70 10.54 32.03 -34.69
CA ARG B 70 9.17 31.63 -34.98
C ARG B 70 8.99 30.97 -36.34
N ARG B 71 9.49 31.60 -37.39
CA ARG B 71 9.36 31.05 -38.73
C ARG B 71 9.97 29.67 -38.80
N LYS B 72 11.18 29.53 -38.28
CA LYS B 72 11.88 28.25 -38.28
C LYS B 72 11.13 27.21 -37.45
N ALA B 73 10.62 27.64 -36.29
CA ALA B 73 9.88 26.73 -35.41
C ALA B 73 8.64 26.20 -36.12
N ILE B 74 7.91 27.08 -36.79
CA ILE B 74 6.71 26.70 -37.52
C ILE B 74 7.08 25.72 -38.63
N GLU B 75 8.20 25.98 -39.29
CA GLU B 75 8.68 25.13 -40.37
C GLU B 75 8.98 23.70 -39.90
N ILE B 76 9.81 23.58 -38.86
CA ILE B 76 10.18 22.28 -38.33
C ILE B 76 8.97 21.51 -37.79
N ALA B 77 8.04 22.22 -37.15
CA ALA B 77 6.85 21.57 -36.60
C ALA B 77 6.04 20.94 -37.73
N ARG B 78 5.78 21.72 -38.78
CA ARG B 78 4.99 21.21 -39.91
C ARG B 78 5.69 20.00 -40.56
N ARG B 79 7.00 20.09 -40.74
CA ARG B 79 7.75 19.01 -41.36
C ARG B 79 7.70 17.76 -40.49
N ALA B 80 7.90 17.94 -39.19
CA ALA B 80 7.88 16.80 -38.27
C ALA B 80 6.49 16.18 -38.25
N ASN B 81 5.45 17.00 -38.36
CA ASN B 81 4.10 16.48 -38.34
C ASN B 81 3.76 15.78 -39.67
N ASP B 82 4.27 16.30 -40.77
CA ASP B 82 4.01 15.67 -42.07
C ASP B 82 4.67 14.30 -42.12
N VAL B 83 5.89 14.21 -41.61
CA VAL B 83 6.63 12.95 -41.58
C VAL B 83 5.89 11.94 -40.72
N LEU B 84 5.42 12.39 -39.55
CA LEU B 84 4.70 11.52 -38.63
C LEU B 84 3.43 10.96 -39.27
N ALA B 85 2.72 11.81 -40.01
CA ALA B 85 1.50 11.40 -40.67
C ALA B 85 1.82 10.34 -41.73
N GLU B 86 2.92 10.55 -42.44
CA GLU B 86 3.36 9.61 -43.47
C GLU B 86 3.71 8.26 -42.86
N GLU B 87 4.39 8.27 -41.72
CA GLU B 87 4.77 7.03 -41.07
C GLU B 87 3.57 6.29 -40.49
N CYS B 88 2.62 7.02 -39.92
CA CYS B 88 1.43 6.41 -39.35
C CYS B 88 0.58 5.74 -40.44
N ALA B 89 0.53 6.38 -41.61
CA ALA B 89 -0.24 5.87 -42.73
C ALA B 89 0.27 4.52 -43.24
N LYS B 90 1.53 4.22 -42.97
CA LYS B 90 2.13 2.96 -43.40
C LYS B 90 1.66 1.81 -42.54
N ARG B 91 1.18 2.11 -41.34
CA ARG B 91 0.71 1.08 -40.42
C ARG B 91 -0.32 1.73 -39.50
N PRO B 92 -1.44 2.21 -40.07
CA PRO B 92 -2.54 2.87 -39.35
C PRO B 92 -3.23 2.05 -38.27
N ASP B 93 -3.04 0.73 -38.29
CA ASP B 93 -3.65 -0.14 -37.29
C ASP B 93 -2.77 -0.26 -36.05
N ARG B 94 -1.59 0.34 -36.10
CA ARG B 94 -0.66 0.27 -34.97
C ARG B 94 -0.13 1.61 -34.47
N PHE B 95 -0.15 2.62 -35.32
CA PHE B 95 0.38 3.94 -34.95
C PHE B 95 -0.60 5.09 -35.01
N LEU B 96 -0.55 5.93 -33.98
CA LEU B 96 -1.37 7.13 -33.89
C LEU B 96 -0.37 8.24 -33.65
N ALA B 97 -0.79 9.50 -33.71
CA ALA B 97 0.16 10.58 -33.55
C ALA B 97 -0.23 11.77 -32.69
N PHE B 98 0.80 12.33 -32.05
CA PHE B 98 0.68 13.53 -31.22
C PHE B 98 1.32 14.62 -32.06
N ALA B 99 0.72 15.81 -32.08
CA ALA B 99 1.27 16.90 -32.86
C ALA B 99 2.41 17.66 -32.17
N ALA B 100 3.36 18.13 -32.97
CA ALA B 100 4.46 18.94 -32.46
C ALA B 100 3.94 20.35 -32.74
N LEU B 101 4.09 21.26 -31.78
CA LEU B 101 3.58 22.62 -31.96
C LEU B 101 4.58 23.75 -31.77
N PRO B 102 4.52 24.76 -32.63
CA PRO B 102 5.40 25.93 -32.58
C PRO B 102 4.78 26.96 -31.64
N LEU B 103 4.71 26.63 -30.35
CA LEU B 103 4.09 27.53 -29.38
C LEU B 103 4.82 28.85 -29.11
N GLN B 104 5.95 29.10 -29.76
CA GLN B 104 6.59 30.40 -29.56
C GLN B 104 5.79 31.40 -30.38
N ASP B 105 4.82 30.89 -31.13
CA ASP B 105 3.91 31.70 -31.95
C ASP B 105 2.52 31.12 -31.70
N PRO B 106 1.84 31.58 -30.64
CA PRO B 106 0.50 31.13 -30.26
C PRO B 106 -0.48 30.86 -31.41
N ASP B 107 -0.68 31.87 -32.26
CA ASP B 107 -1.59 31.75 -33.38
C ASP B 107 -1.19 30.64 -34.35
N ALA B 108 0.10 30.56 -34.64
CA ALA B 108 0.61 29.53 -35.55
C ALA B 108 0.41 28.14 -34.95
N ALA B 109 0.61 28.02 -33.65
CA ALA B 109 0.45 26.75 -32.96
C ALA B 109 -1.00 26.29 -32.98
N THR B 110 -1.90 27.25 -32.79
CA THR B 110 -3.33 26.95 -32.79
C THR B 110 -3.72 26.43 -34.18
N GLU B 111 -3.21 27.07 -35.21
CA GLU B 111 -3.50 26.66 -36.58
C GLU B 111 -2.93 25.28 -36.89
N GLU B 112 -1.69 25.03 -36.46
CA GLU B 112 -1.05 23.75 -36.71
C GLU B 112 -1.75 22.61 -35.97
N LEU B 113 -2.30 22.89 -34.80
CA LEU B 113 -3.00 21.85 -34.06
C LEU B 113 -4.27 21.48 -34.82
N GLN B 114 -4.99 22.51 -35.29
CA GLN B 114 -6.22 22.28 -36.04
C GLN B 114 -5.92 21.46 -37.29
N ARG B 115 -4.82 21.77 -37.97
CA ARG B 115 -4.46 21.04 -39.18
C ARG B 115 -4.14 19.59 -38.86
N CYS B 116 -3.36 19.37 -37.81
CA CYS B 116 -2.99 18.02 -37.39
C CYS B 116 -4.20 17.17 -37.00
N VAL B 117 -5.10 17.76 -36.24
CA VAL B 117 -6.29 17.05 -35.79
C VAL B 117 -7.35 16.87 -36.88
N ASN B 118 -7.72 17.98 -37.53
CA ASN B 118 -8.76 17.94 -38.57
C ASN B 118 -8.33 17.33 -39.90
N ASP B 119 -7.10 17.60 -40.34
CA ASP B 119 -6.65 17.08 -41.62
C ASP B 119 -5.78 15.84 -41.56
N LEU B 120 -4.96 15.72 -40.52
CA LEU B 120 -4.07 14.57 -40.40
C LEU B 120 -4.55 13.48 -39.45
N GLY B 121 -5.62 13.76 -38.71
CA GLY B 121 -6.17 12.78 -37.78
C GLY B 121 -5.37 12.52 -36.52
N PHE B 122 -4.53 13.48 -36.12
CA PHE B 122 -3.74 13.32 -34.90
C PHE B 122 -4.70 13.29 -33.72
N VAL B 123 -4.31 12.62 -32.64
CA VAL B 123 -5.18 12.49 -31.48
C VAL B 123 -4.82 13.34 -30.26
N GLY B 124 -3.87 14.24 -30.43
CA GLY B 124 -3.48 15.10 -29.34
C GLY B 124 -2.19 15.84 -29.67
N ALA B 125 -1.62 16.51 -28.67
CA ALA B 125 -0.39 17.23 -28.86
C ALA B 125 0.59 16.89 -27.75
N LEU B 126 1.88 16.92 -28.06
CA LEU B 126 2.90 16.68 -27.06
C LEU B 126 3.89 17.83 -27.17
N VAL B 127 4.07 18.54 -26.07
CA VAL B 127 4.94 19.70 -26.01
C VAL B 127 5.98 19.54 -24.91
N ASN B 128 7.23 19.83 -25.24
CA ASN B 128 8.32 19.69 -24.28
C ASN B 128 8.54 20.90 -23.40
N GLY B 129 7.59 21.14 -22.50
CA GLY B 129 7.71 22.26 -21.58
C GLY B 129 7.66 23.62 -22.24
N PHE B 130 8.24 24.60 -21.55
CA PHE B 130 8.26 25.99 -22.01
C PHE B 130 8.91 26.17 -23.37
N SER B 131 8.55 27.26 -24.03
CA SER B 131 9.09 27.60 -25.34
C SER B 131 10.12 28.71 -25.23
N GLN B 132 11.01 28.76 -26.22
CA GLN B 132 12.03 29.79 -26.31
C GLN B 132 11.67 30.58 -27.57
N GLU B 133 11.85 31.89 -27.54
CA GLU B 133 11.51 32.73 -28.69
C GLU B 133 12.39 33.98 -28.71
N GLY B 134 12.70 34.48 -29.90
CA GLY B 134 13.52 35.67 -30.01
C GLY B 134 14.95 35.38 -29.59
N ASP B 135 15.41 36.04 -28.53
CA ASP B 135 16.76 35.80 -28.04
C ASP B 135 16.77 34.46 -27.31
N GLY B 136 15.58 33.93 -27.07
CA GLY B 136 15.42 32.64 -26.42
C GLY B 136 15.96 32.53 -24.99
N GLN B 137 16.10 33.67 -24.32
CA GLN B 137 16.62 33.69 -22.95
C GLN B 137 15.56 33.69 -21.86
N THR B 138 14.29 33.60 -22.26
CA THR B 138 13.20 33.60 -21.28
C THR B 138 12.26 32.43 -21.50
N PRO B 139 12.06 31.59 -20.47
CA PRO B 139 11.15 30.45 -20.62
C PRO B 139 9.70 30.93 -20.70
N LEU B 140 9.00 30.52 -21.76
CA LEU B 140 7.62 30.92 -21.95
C LEU B 140 6.70 29.81 -21.50
N TYR B 141 6.01 30.03 -20.38
CA TYR B 141 5.09 29.03 -19.82
C TYR B 141 3.69 29.22 -20.37
N TYR B 142 2.93 28.13 -20.47
CA TYR B 142 1.60 28.19 -21.07
C TYR B 142 0.43 28.69 -20.23
N ASP B 143 0.72 29.21 -19.03
CA ASP B 143 -0.33 29.75 -18.19
C ASP B 143 -0.47 31.25 -18.52
N LEU B 144 0.45 31.75 -19.33
CA LEU B 144 0.45 33.17 -19.71
C LEU B 144 -0.79 33.50 -20.55
N PRO B 145 -1.26 34.75 -20.44
CA PRO B 145 -2.44 35.23 -21.16
C PRO B 145 -2.50 34.96 -22.67
N GLN B 146 -1.39 35.15 -23.38
CA GLN B 146 -1.37 34.94 -24.82
C GLN B 146 -1.71 33.52 -25.28
N TYR B 147 -1.67 32.56 -24.35
CA TYR B 147 -1.99 31.17 -24.69
C TYR B 147 -3.42 30.77 -24.44
N ARG B 148 -4.22 31.66 -23.85
CA ARG B 148 -5.61 31.32 -23.58
C ARG B 148 -6.39 30.96 -24.83
N PRO B 149 -6.20 31.71 -25.94
CA PRO B 149 -6.95 31.35 -27.14
C PRO B 149 -6.60 29.93 -27.58
N PHE B 150 -5.31 29.60 -27.50
CA PHE B 150 -4.82 28.27 -27.86
C PHE B 150 -5.53 27.20 -27.02
N TRP B 151 -5.56 27.39 -25.71
CA TRP B 151 -6.21 26.41 -24.84
C TRP B 151 -7.68 26.28 -25.15
N GLY B 152 -8.31 27.38 -25.58
CA GLY B 152 -9.72 27.32 -25.92
C GLY B 152 -9.91 26.40 -27.11
N GLU B 153 -8.98 26.43 -28.06
CA GLU B 153 -9.05 25.59 -29.24
C GLU B 153 -8.77 24.14 -28.89
N VAL B 154 -7.85 23.91 -27.96
CA VAL B 154 -7.55 22.55 -27.54
C VAL B 154 -8.81 21.93 -26.95
N GLU B 155 -9.51 22.69 -26.13
CA GLU B 155 -10.73 22.20 -25.51
C GLU B 155 -11.82 21.97 -26.55
N LYS B 156 -11.90 22.87 -27.53
CA LYS B 156 -12.90 22.75 -28.59
C LYS B 156 -12.66 21.48 -29.42
N LEU B 157 -11.42 21.27 -29.83
CA LEU B 157 -11.04 20.09 -30.61
C LEU B 157 -11.19 18.86 -29.73
N ASP B 158 -11.12 19.08 -28.43
CA ASP B 158 -11.24 18.01 -27.44
C ASP B 158 -10.22 16.89 -27.60
N VAL B 159 -8.94 17.27 -27.61
CA VAL B 159 -7.85 16.29 -27.68
C VAL B 159 -6.92 16.60 -26.52
N PRO B 160 -6.26 15.57 -25.96
CA PRO B 160 -5.35 15.77 -24.83
C PRO B 160 -4.06 16.48 -25.19
N PHE B 161 -3.45 17.10 -24.19
CA PHE B 161 -2.20 17.83 -24.33
C PHE B 161 -1.21 17.14 -23.39
N TYR B 162 -0.16 16.56 -23.95
CA TYR B 162 0.86 15.87 -23.16
C TYR B 162 1.98 16.86 -22.83
N LEU B 163 2.09 17.23 -21.56
CA LEU B 163 3.13 18.16 -21.13
C LEU B 163 4.36 17.34 -20.76
N HIS B 164 5.27 17.26 -21.72
CA HIS B 164 6.52 16.49 -21.61
C HIS B 164 7.66 17.33 -21.04
N PRO B 165 8.69 16.68 -20.47
CA PRO B 165 9.81 17.45 -19.90
C PRO B 165 10.80 18.04 -20.90
N ARG B 166 11.64 18.91 -20.37
CA ARG B 166 12.75 19.55 -21.07
C ARG B 166 13.59 20.08 -19.91
N ASN B 167 14.86 20.36 -20.15
CA ASN B 167 15.70 20.91 -19.09
C ASN B 167 15.50 22.41 -19.01
N PRO B 168 15.71 22.99 -17.83
CA PRO B 168 15.56 24.45 -17.70
C PRO B 168 16.76 25.10 -18.40
N LEU B 169 16.65 26.39 -18.68
CA LEU B 169 17.75 27.11 -19.32
C LEU B 169 18.89 27.21 -18.29
N PRO B 170 20.14 27.35 -18.76
CA PRO B 170 21.29 27.46 -17.86
C PRO B 170 21.14 28.46 -16.72
N GLN B 171 20.65 29.67 -17.03
CA GLN B 171 20.49 30.70 -16.00
C GLN B 171 19.47 30.31 -14.94
N ASP B 172 18.64 29.32 -15.25
CA ASP B 172 17.63 28.83 -14.33
C ASP B 172 17.98 27.44 -13.83
N SER B 173 19.28 27.11 -13.89
CA SER B 173 19.74 25.79 -13.47
C SER B 173 20.90 25.81 -12.47
N ARG B 174 21.14 26.96 -11.82
CA ARG B 174 22.25 27.04 -10.88
C ARG B 174 22.26 26.00 -9.77
N ILE B 175 21.08 25.59 -9.33
CA ILE B 175 21.03 24.60 -8.26
C ILE B 175 21.70 23.30 -8.70
N TYR B 176 21.85 23.10 -10.01
CA TYR B 176 22.48 21.89 -10.52
C TYR B 176 23.92 22.13 -10.94
N ASP B 177 24.43 23.34 -10.71
CA ASP B 177 25.80 23.65 -11.10
C ASP B 177 26.78 22.70 -10.43
N GLY B 178 27.63 22.06 -11.25
CA GLY B 178 28.61 21.13 -10.73
C GLY B 178 28.04 19.72 -10.62
N HIS B 179 26.76 19.58 -10.96
CA HIS B 179 26.08 18.28 -10.89
C HIS B 179 25.28 18.03 -12.17
N PRO B 180 25.98 17.91 -13.31
CA PRO B 180 25.27 17.67 -14.57
C PRO B 180 24.45 16.37 -14.57
N TRP B 181 24.79 15.47 -13.66
CA TRP B 181 24.10 14.18 -13.52
C TRP B 181 22.70 14.33 -12.93
N LEU B 182 22.37 15.53 -12.46
CA LEU B 182 21.05 15.78 -11.90
C LEU B 182 20.12 16.36 -12.96
N LEU B 183 20.68 16.79 -14.08
CA LEU B 183 19.86 17.33 -15.15
C LEU B 183 19.21 16.15 -15.87
N GLY B 184 18.24 16.45 -16.73
CA GLY B 184 17.58 15.39 -17.46
C GLY B 184 16.63 14.53 -16.65
N PRO B 185 16.45 13.26 -17.06
CA PRO B 185 15.57 12.30 -16.39
C PRO B 185 15.87 11.99 -14.92
N THR B 186 17.10 12.23 -14.48
CA THR B 186 17.46 11.95 -13.10
C THR B 186 16.61 12.77 -12.14
N TRP B 187 16.44 14.06 -12.45
CA TRP B 187 15.64 14.92 -11.58
C TRP B 187 15.12 16.20 -12.23
N ALA B 188 15.99 16.96 -12.87
CA ALA B 188 15.60 18.23 -13.47
C ALA B 188 14.34 18.17 -14.33
N PHE B 189 14.20 17.11 -15.12
CA PHE B 189 13.01 16.96 -15.97
C PHE B 189 11.72 17.01 -15.15
N ALA B 190 11.71 16.31 -14.03
CA ALA B 190 10.52 16.25 -13.17
C ALA B 190 10.14 17.58 -12.53
N GLN B 191 11.13 18.27 -11.96
CA GLN B 191 10.89 19.57 -11.32
C GLN B 191 10.32 20.54 -12.33
N GLU B 192 10.96 20.61 -13.49
CA GLU B 192 10.54 21.53 -14.54
C GLU B 192 9.09 21.30 -14.98
N THR B 193 8.73 20.03 -15.16
CA THR B 193 7.40 19.68 -15.61
C THR B 193 6.34 19.78 -14.52
N ALA B 194 6.68 19.35 -13.31
CA ALA B 194 5.73 19.44 -12.21
C ALA B 194 5.31 20.89 -11.96
N VAL B 195 6.28 21.80 -11.90
CA VAL B 195 5.95 23.20 -11.65
C VAL B 195 5.17 23.80 -12.81
N HIS B 196 5.51 23.46 -14.04
CA HIS B 196 4.77 23.99 -15.18
C HIS B 196 3.31 23.58 -15.03
N ALA B 197 3.09 22.32 -14.63
CA ALA B 197 1.74 21.82 -14.43
C ALA B 197 1.03 22.62 -13.35
N LEU B 198 1.71 22.86 -12.25
CA LEU B 198 1.12 23.63 -11.14
C LEU B 198 0.80 25.05 -11.59
N ARG B 199 1.63 25.62 -12.46
CA ARG B 199 1.39 26.98 -12.96
C ARG B 199 0.07 27.00 -13.74
N LEU B 200 -0.17 25.97 -14.55
CA LEU B 200 -1.40 25.90 -15.33
C LEU B 200 -2.59 25.85 -14.38
N MET B 201 -2.50 25.01 -13.35
CA MET B 201 -3.57 24.87 -12.37
C MET B 201 -3.83 26.15 -11.58
N ALA B 202 -2.77 26.74 -11.03
CA ALA B 202 -2.91 27.96 -10.24
C ALA B 202 -3.44 29.15 -11.03
N SER B 203 -3.18 29.16 -12.33
CA SER B 203 -3.61 30.26 -13.19
C SER B 203 -5.11 30.36 -13.41
N GLY B 204 -5.84 29.30 -13.06
CA GLY B 204 -7.27 29.29 -13.26
C GLY B 204 -7.65 28.79 -14.64
N LEU B 205 -6.67 28.28 -15.39
CA LEU B 205 -6.90 27.77 -16.73
C LEU B 205 -8.05 26.77 -16.78
N PHE B 206 -8.11 25.88 -15.79
CA PHE B 206 -9.13 24.86 -15.78
C PHE B 206 -10.49 25.31 -15.28
N ASP B 207 -10.57 26.55 -14.78
CA ASP B 207 -11.85 27.10 -14.36
C ASP B 207 -12.48 27.59 -15.67
N GLU B 208 -11.64 28.17 -16.52
CA GLU B 208 -12.06 28.71 -17.81
C GLU B 208 -12.32 27.62 -18.85
N HIS B 209 -11.52 26.56 -18.80
CA HIS B 209 -11.66 25.46 -19.75
C HIS B 209 -11.61 24.15 -18.98
N PRO B 210 -12.70 23.83 -18.26
CA PRO B 210 -12.82 22.62 -17.44
C PRO B 210 -12.77 21.27 -18.14
N ARG B 211 -12.92 21.25 -19.47
CA ARG B 211 -12.88 19.99 -20.19
C ARG B 211 -11.51 19.58 -20.71
N LEU B 212 -10.49 20.40 -20.45
CA LEU B 212 -9.13 20.08 -20.90
C LEU B 212 -8.61 18.82 -20.23
N ASN B 213 -7.81 18.08 -20.98
CA ASN B 213 -7.20 16.85 -20.50
C ASN B 213 -5.69 17.00 -20.67
N ILE B 214 -4.97 17.06 -19.55
CA ILE B 214 -3.51 17.18 -19.61
C ILE B 214 -2.91 15.85 -19.19
N ILE B 215 -1.84 15.44 -19.87
CA ILE B 215 -1.18 14.18 -19.54
C ILE B 215 0.26 14.45 -19.10
N LEU B 216 0.70 13.78 -18.03
CA LEU B 216 2.06 13.91 -17.54
C LEU B 216 2.69 12.52 -17.50
N GLY B 217 3.95 12.42 -17.88
CA GLY B 217 4.62 11.14 -17.84
C GLY B 217 5.36 10.97 -16.54
N HIS B 218 6.17 9.92 -16.45
CA HIS B 218 7.00 9.64 -15.29
C HIS B 218 6.24 9.64 -13.98
N MET B 219 5.05 9.05 -14.04
CA MET B 219 4.12 8.93 -12.94
C MET B 219 3.75 10.25 -12.28
N GLY B 220 3.60 11.28 -13.10
CA GLY B 220 3.19 12.58 -12.58
C GLY B 220 4.29 13.51 -12.13
N GLU B 221 5.52 13.21 -12.50
CA GLU B 221 6.66 14.05 -12.16
C GLU B 221 6.79 14.35 -10.66
N GLY B 222 6.35 13.41 -9.82
CA GLY B 222 6.44 13.56 -8.38
C GLY B 222 5.22 14.15 -7.68
N LEU B 223 4.29 14.68 -8.45
CA LEU B 223 3.11 15.32 -7.87
C LEU B 223 2.23 14.51 -6.90
N PRO B 224 1.88 13.25 -7.25
CA PRO B 224 1.03 12.48 -6.34
C PRO B 224 1.45 12.39 -4.86
N TYR B 225 2.72 12.12 -4.63
CA TYR B 225 3.28 11.97 -3.28
C TYR B 225 3.19 13.24 -2.42
N MET B 226 3.28 14.40 -3.07
CA MET B 226 3.24 15.68 -2.36
C MET B 226 1.94 16.47 -2.53
N MET B 227 0.99 15.92 -3.28
CA MET B 227 -0.26 16.63 -3.54
C MET B 227 -1.00 17.10 -2.30
N TRP B 228 -1.05 16.27 -1.26
CA TRP B 228 -1.75 16.68 -0.04
C TRP B 228 -1.09 17.94 0.51
N ARG B 229 0.23 17.91 0.61
CA ARG B 229 0.98 19.04 1.15
C ARG B 229 0.83 20.31 0.30
N ILE B 230 0.79 20.15 -1.01
CA ILE B 230 0.64 21.29 -1.92
C ILE B 230 -0.55 22.18 -1.54
N ASP B 231 -1.67 21.55 -1.15
CA ASP B 231 -2.88 22.29 -0.76
C ASP B 231 -3.00 22.50 0.74
N HIS B 232 -2.67 21.47 1.50
CA HIS B 232 -2.85 21.49 2.95
C HIS B 232 -1.76 21.99 3.87
N ARG B 233 -0.63 22.42 3.33
CA ARG B 233 0.42 22.95 4.19
C ARG B 233 -0.16 24.14 4.97
N ASN B 234 0.23 24.28 6.23
CA ASN B 234 -0.27 25.38 7.08
C ASN B 234 -1.80 25.41 7.10
N ALA B 235 -2.42 24.25 7.28
CA ALA B 235 -3.87 24.16 7.29
C ALA B 235 -4.59 25.00 8.34
N TRP B 236 -3.93 25.29 9.45
CA TRP B 236 -4.59 26.07 10.51
C TRP B 236 -5.00 27.45 10.03
N VAL B 237 -4.37 27.94 8.96
CA VAL B 237 -4.71 29.25 8.41
C VAL B 237 -5.97 29.09 7.56
N LYS B 238 -7.12 29.47 8.14
CA LYS B 238 -8.40 29.37 7.45
C LYS B 238 -8.69 30.54 6.54
N LEU B 239 -7.88 30.69 5.50
CA LEU B 239 -8.04 31.76 4.53
C LEU B 239 -7.91 31.15 3.14
N PRO B 240 -8.55 31.76 2.14
CA PRO B 240 -8.49 31.24 0.77
C PRO B 240 -7.10 31.39 0.15
N PRO B 241 -6.76 30.51 -0.81
CA PRO B 241 -5.46 30.58 -1.46
C PRO B 241 -5.31 31.93 -2.16
N ARG B 242 -4.07 32.32 -2.45
CA ARG B 242 -3.82 33.60 -3.09
C ARG B 242 -3.82 33.60 -4.62
N TYR B 243 -3.80 32.42 -5.22
CA TYR B 243 -3.77 32.32 -6.68
C TYR B 243 -5.14 32.60 -7.32
N PRO B 244 -5.15 32.86 -8.64
CA PRO B 244 -6.37 33.16 -9.41
C PRO B 244 -7.40 32.04 -9.47
N ALA B 245 -6.93 30.79 -9.52
CA ALA B 245 -7.84 29.65 -9.58
C ALA B 245 -8.82 29.68 -8.42
N LYS B 246 -10.03 29.15 -8.66
CA LYS B 246 -11.07 29.15 -7.66
C LYS B 246 -11.07 27.96 -6.71
N ARG B 247 -10.43 26.87 -7.12
CA ARG B 247 -10.40 25.67 -6.30
C ARG B 247 -9.00 25.22 -5.89
N ARG B 248 -8.88 23.99 -5.43
CA ARG B 248 -7.61 23.44 -4.95
C ARG B 248 -6.81 22.74 -6.04
N PHE B 249 -5.50 22.65 -5.83
CA PHE B 249 -4.65 21.97 -6.81
C PHE B 249 -5.14 20.54 -6.99
N MET B 250 -5.51 19.88 -5.90
CA MET B 250 -5.99 18.51 -6.00
C MET B 250 -7.24 18.37 -6.86
N ASP B 251 -8.08 19.41 -6.90
CA ASP B 251 -9.29 19.35 -7.71
C ASP B 251 -8.91 19.28 -9.19
N TYR B 252 -8.02 20.16 -9.61
CA TYR B 252 -7.60 20.20 -11.01
C TYR B 252 -6.80 18.97 -11.38
N PHE B 253 -5.94 18.51 -10.46
CA PHE B 253 -5.14 17.33 -10.74
C PHE B 253 -6.05 16.12 -10.89
N ASN B 254 -7.02 15.98 -9.99
CA ASN B 254 -7.96 14.86 -10.03
C ASN B 254 -8.92 14.89 -11.22
N GLU B 255 -9.28 16.09 -11.65
CA GLU B 255 -10.25 16.26 -12.73
C GLU B 255 -9.72 16.49 -14.13
N ASN B 256 -8.54 17.10 -14.24
CA ASN B 256 -7.99 17.43 -15.55
C ASN B 256 -6.71 16.73 -15.95
N PHE B 257 -6.14 15.94 -15.05
CA PHE B 257 -4.90 15.27 -15.36
C PHE B 257 -4.93 13.75 -15.40
N HIS B 258 -3.98 13.20 -16.16
CA HIS B 258 -3.78 11.76 -16.30
C HIS B 258 -2.26 11.62 -16.23
N ILE B 259 -1.77 10.51 -15.71
CA ILE B 259 -0.32 10.30 -15.65
C ILE B 259 0.04 8.98 -16.30
N THR B 260 1.25 8.87 -16.85
CA THR B 260 1.67 7.62 -17.47
C THR B 260 2.84 7.00 -16.71
N THR B 261 3.13 5.73 -17.00
CA THR B 261 4.20 5.00 -16.33
C THR B 261 5.56 5.16 -17.02
N SER B 262 5.65 6.06 -17.99
CA SER B 262 6.90 6.25 -18.72
C SER B 262 8.12 6.44 -17.81
N GLY B 263 9.16 5.67 -18.09
CA GLY B 263 10.39 5.77 -17.33
C GLY B 263 10.29 5.72 -15.81
N ASN B 264 9.22 5.13 -15.29
CA ASN B 264 9.07 5.03 -13.84
C ASN B 264 8.40 3.69 -13.51
N PHE B 265 9.16 2.63 -13.73
CA PHE B 265 8.71 1.26 -13.54
C PHE B 265 8.93 0.82 -12.08
N ARG B 266 8.19 1.47 -11.18
CA ARG B 266 8.31 1.20 -9.76
C ARG B 266 6.95 0.89 -9.16
N THR B 267 6.78 -0.31 -8.64
CA THR B 267 5.50 -0.71 -8.08
C THR B 267 5.04 0.16 -6.91
N GLN B 268 5.96 0.54 -6.02
CA GLN B 268 5.57 1.37 -4.88
C GLN B 268 4.97 2.70 -5.34
N THR B 269 5.59 3.26 -6.36
CA THR B 269 5.16 4.53 -6.93
C THR B 269 3.76 4.39 -7.55
N LEU B 270 3.53 3.26 -8.22
CA LEU B 270 2.23 3.01 -8.83
C LEU B 270 1.15 2.83 -7.77
N ILE B 271 1.47 2.15 -6.67
CA ILE B 271 0.50 1.94 -5.61
C ILE B 271 0.12 3.30 -4.99
N ASP B 272 1.11 4.16 -4.77
CA ASP B 272 0.82 5.47 -4.22
C ASP B 272 -0.08 6.25 -5.16
N ALA B 273 0.24 6.22 -6.46
CA ALA B 273 -0.58 6.93 -7.43
C ALA B 273 -2.00 6.37 -7.45
N ILE B 274 -2.15 5.06 -7.35
CA ILE B 274 -3.48 4.45 -7.35
C ILE B 274 -4.29 4.96 -6.15
N LEU B 275 -3.62 5.11 -5.02
CA LEU B 275 -4.29 5.59 -3.81
C LEU B 275 -4.44 7.10 -3.76
N GLU B 276 -3.92 7.80 -4.78
CA GLU B 276 -4.04 9.26 -4.82
C GLU B 276 -4.89 9.76 -5.99
N ILE B 277 -4.60 9.31 -7.21
CA ILE B 277 -5.36 9.75 -8.36
C ILE B 277 -6.31 8.67 -8.88
N GLY B 278 -6.04 7.41 -8.52
CA GLY B 278 -6.88 6.31 -8.95
C GLY B 278 -6.43 5.65 -10.24
N ALA B 279 -6.68 4.34 -10.34
CA ALA B 279 -6.30 3.57 -11.52
C ALA B 279 -6.92 4.09 -12.82
N ASP B 280 -8.09 4.73 -12.72
CA ASP B 280 -8.75 5.23 -13.92
C ASP B 280 -7.99 6.36 -14.60
N ARG B 281 -7.02 6.94 -13.91
CA ARG B 281 -6.27 8.04 -14.50
C ARG B 281 -4.78 7.79 -14.66
N ILE B 282 -4.40 6.51 -14.70
CA ILE B 282 -3.02 6.12 -14.88
C ILE B 282 -2.95 5.32 -16.17
N LEU B 283 -1.97 5.65 -17.03
CA LEU B 283 -1.83 5.02 -18.33
C LEU B 283 -0.46 4.40 -18.53
N PHE B 284 -0.42 3.24 -19.17
CA PHE B 284 0.85 2.59 -19.46
C PHE B 284 1.57 3.39 -20.56
N SER B 285 2.90 3.47 -20.45
CA SER B 285 3.76 4.13 -21.44
C SER B 285 5.20 3.71 -21.14
N THR B 286 6.09 3.81 -22.13
CA THR B 286 7.46 3.34 -21.94
C THR B 286 8.59 4.36 -21.95
N ASP B 287 8.47 5.35 -22.83
CA ASP B 287 9.48 6.38 -23.03
C ASP B 287 10.55 5.86 -24.00
N TRP B 288 10.16 4.86 -24.80
CA TRP B 288 11.06 4.31 -25.82
C TRP B 288 11.35 5.51 -26.72
N PRO B 289 12.56 5.61 -27.29
CA PRO B 289 13.72 4.71 -27.20
C PRO B 289 14.68 5.01 -26.04
N PHE B 290 14.30 5.92 -25.16
CA PHE B 290 15.14 6.29 -24.02
C PHE B 290 15.06 5.22 -22.93
N GLU B 291 14.00 4.42 -22.99
CA GLU B 291 13.79 3.30 -22.07
C GLU B 291 13.50 2.10 -22.96
N ASN B 292 13.90 0.92 -22.52
CA ASN B 292 13.65 -0.29 -23.29
C ASN B 292 12.19 -0.70 -23.16
N ILE B 293 11.59 -1.11 -24.27
CA ILE B 293 10.19 -1.54 -24.28
C ILE B 293 10.01 -2.77 -23.41
N ASP B 294 10.97 -3.69 -23.44
CA ASP B 294 10.86 -4.90 -22.63
C ASP B 294 10.95 -4.58 -21.14
N HIS B 295 11.70 -3.55 -20.78
CA HIS B 295 11.81 -3.17 -19.37
C HIS B 295 10.45 -2.69 -18.88
N ALA B 296 9.82 -1.83 -19.68
CA ALA B 296 8.51 -1.29 -19.32
C ALA B 296 7.44 -2.36 -19.29
N SER B 297 7.37 -3.16 -20.35
CA SER B 297 6.37 -4.21 -20.46
C SER B 297 6.51 -5.32 -19.42
N ASP B 298 7.73 -5.81 -19.22
CA ASP B 298 7.93 -6.88 -18.23
C ASP B 298 7.55 -6.41 -16.83
N TRP B 299 7.93 -5.17 -16.49
CA TRP B 299 7.56 -4.65 -15.17
C TRP B 299 6.05 -4.53 -15.03
N PHE B 300 5.42 -3.91 -16.02
CA PHE B 300 3.97 -3.69 -15.96
C PHE B 300 3.17 -4.99 -15.94
N ASN B 301 3.65 -6.00 -16.66
CA ASN B 301 2.94 -7.27 -16.70
C ASN B 301 2.86 -7.92 -15.33
N ALA B 302 3.86 -7.66 -14.48
CA ALA B 302 3.91 -8.29 -13.17
C ALA B 302 3.72 -7.37 -11.97
N THR B 303 3.50 -6.08 -12.18
CA THR B 303 3.34 -5.18 -11.05
C THR B 303 2.15 -5.59 -10.19
N SER B 304 2.23 -5.29 -8.90
CA SER B 304 1.22 -5.71 -7.92
C SER B 304 -0.09 -4.93 -7.82
N ILE B 305 -0.91 -5.04 -8.85
CA ILE B 305 -2.21 -4.37 -8.89
C ILE B 305 -3.28 -5.39 -9.29
N ALA B 306 -4.54 -4.98 -9.25
CA ALA B 306 -5.63 -5.89 -9.62
C ALA B 306 -5.60 -6.13 -11.13
N GLU B 307 -5.90 -7.34 -11.56
CA GLU B 307 -5.89 -7.64 -12.99
C GLU B 307 -6.84 -6.71 -13.73
N ALA B 308 -7.94 -6.33 -13.08
CA ALA B 308 -8.90 -5.42 -13.71
C ALA B 308 -8.22 -4.08 -13.99
N ASP B 309 -7.39 -3.65 -13.06
CA ASP B 309 -6.69 -2.38 -13.22
C ASP B 309 -5.53 -2.49 -14.23
N ARG B 310 -4.95 -3.68 -14.33
CA ARG B 310 -3.86 -3.87 -15.29
C ARG B 310 -4.43 -3.67 -16.69
N VAL B 311 -5.66 -4.14 -16.89
CA VAL B 311 -6.32 -3.98 -18.19
C VAL B 311 -6.65 -2.49 -18.44
N LYS B 312 -7.11 -1.79 -17.40
CA LYS B 312 -7.43 -0.38 -17.59
C LYS B 312 -6.19 0.47 -17.85
N ILE B 313 -5.20 0.34 -16.97
CA ILE B 313 -3.97 1.10 -17.11
C ILE B 313 -3.22 0.72 -18.39
N GLY B 314 -3.26 -0.55 -18.74
CA GLY B 314 -2.54 -0.98 -19.93
C GLY B 314 -3.22 -0.74 -21.25
N ARG B 315 -4.55 -0.66 -21.24
CA ARG B 315 -5.28 -0.51 -22.50
C ARG B 315 -6.53 0.36 -22.53
N THR B 316 -7.53 -0.01 -21.75
CA THR B 316 -8.81 0.69 -21.80
C THR B 316 -8.87 2.15 -21.37
N ASN B 317 -8.01 2.59 -20.46
CA ASN B 317 -8.02 4.00 -20.06
C ASN B 317 -7.66 4.85 -21.27
N ALA B 318 -6.61 4.43 -21.99
CA ALA B 318 -6.16 5.16 -23.18
C ALA B 318 -7.16 5.08 -24.32
N ARG B 319 -7.79 3.93 -24.51
CA ARG B 319 -8.76 3.80 -25.60
C ARG B 319 -9.96 4.70 -25.33
N ARG B 320 -10.31 4.87 -24.06
CA ARG B 320 -11.43 5.74 -23.70
C ARG B 320 -11.01 7.20 -23.88
N LEU B 321 -9.84 7.55 -23.36
CA LEU B 321 -9.34 8.92 -23.44
C LEU B 321 -9.18 9.43 -24.86
N PHE B 322 -8.67 8.58 -25.77
CA PHE B 322 -8.47 8.99 -27.14
C PHE B 322 -9.60 8.60 -28.09
N LYS B 323 -10.75 8.24 -27.52
CA LYS B 323 -11.93 7.87 -28.28
C LYS B 323 -11.69 6.83 -29.36
N LEU B 324 -10.94 5.78 -29.02
CA LEU B 324 -10.64 4.73 -29.99
C LEU B 324 -11.74 3.68 -30.07
N MET C 1 19.03 -11.30 -2.77
CA MET C 1 19.54 -11.23 -1.38
C MET C 1 20.22 -12.52 -0.93
N GLN C 2 21.39 -12.38 -0.32
CA GLN C 2 22.15 -13.53 0.17
C GLN C 2 22.05 -13.53 1.70
N GLY C 3 22.40 -14.65 2.31
CA GLY C 3 22.39 -14.76 3.76
C GLY C 3 21.01 -14.89 4.40
N LYS C 4 20.04 -15.35 3.63
CA LYS C 4 18.68 -15.52 4.15
C LYS C 4 18.54 -16.69 5.11
N VAL C 5 17.50 -16.62 5.95
CA VAL C 5 17.18 -17.66 6.90
C VAL C 5 15.79 -18.12 6.50
N ALA C 6 15.59 -19.43 6.39
CA ALA C 6 14.27 -19.98 6.02
C ALA C 6 13.91 -20.97 7.12
N LEU C 7 12.67 -20.91 7.60
CA LEU C 7 12.28 -21.79 8.69
C LEU C 7 11.02 -22.65 8.59
N GLU C 8 10.46 -22.83 7.40
CA GLU C 8 9.36 -23.77 7.26
C GLU C 8 9.86 -24.61 6.09
N GLU C 9 10.87 -25.41 6.39
CA GLU C 9 11.55 -26.25 5.41
C GLU C 9 11.47 -27.67 5.96
N HIS C 10 10.75 -28.52 5.25
CA HIS C 10 10.48 -29.88 5.70
C HIS C 10 11.29 -31.04 5.15
N PHE C 11 11.28 -32.12 5.91
CA PHE C 11 11.94 -33.37 5.55
C PHE C 11 11.06 -34.47 6.12
N ALA C 12 11.32 -35.70 5.71
CA ALA C 12 10.54 -36.81 6.21
C ALA C 12 11.44 -37.99 6.49
N ILE C 13 10.91 -38.96 7.23
CA ILE C 13 11.63 -40.19 7.52
C ILE C 13 10.70 -41.26 6.95
N PRO C 14 11.22 -42.46 6.69
CA PRO C 14 10.35 -43.51 6.15
C PRO C 14 9.01 -43.62 6.86
N GLU C 15 9.05 -43.61 8.19
CA GLU C 15 7.85 -43.74 9.01
C GLU C 15 6.78 -42.67 8.79
N THR C 16 7.19 -41.45 8.45
CA THR C 16 6.23 -40.36 8.24
C THR C 16 6.09 -39.96 6.77
N LEU C 17 6.95 -40.51 5.92
CA LEU C 17 6.94 -40.18 4.50
C LEU C 17 5.56 -40.25 3.84
N GLN C 18 4.77 -41.25 4.23
CA GLN C 18 3.45 -41.42 3.66
C GLN C 18 2.46 -40.28 3.93
N ASP C 19 2.63 -39.58 5.05
CA ASP C 19 1.74 -38.48 5.38
C ASP C 19 1.68 -37.45 4.26
N SER C 20 2.78 -37.32 3.52
CA SER C 20 2.87 -36.36 2.43
C SER C 20 2.30 -36.93 1.13
N VAL C 24 -2.67 -39.41 -6.63
CA VAL C 24 -2.15 -38.83 -7.90
C VAL C 24 -0.74 -39.33 -8.23
N PRO C 25 -0.64 -40.63 -8.58
CA PRO C 25 0.64 -41.26 -8.93
C PRO C 25 1.27 -40.61 -10.15
N GLY C 26 2.59 -40.74 -10.26
CA GLY C 26 3.28 -40.15 -11.41
C GLY C 26 4.63 -39.56 -11.03
N ASP C 27 5.21 -38.82 -11.97
CA ASP C 27 6.52 -38.21 -11.74
C ASP C 27 6.56 -37.18 -10.61
N TYR C 28 5.44 -36.49 -10.35
CA TYR C 28 5.44 -35.50 -9.27
C TYR C 28 5.55 -36.12 -7.88
N TRP C 29 4.81 -37.20 -7.64
CA TRP C 29 4.86 -37.87 -6.34
C TRP C 29 6.27 -38.42 -6.10
N LYS C 30 6.88 -38.98 -7.14
CA LYS C 30 8.22 -39.53 -7.02
C LYS C 30 9.22 -38.44 -6.65
N GLU C 31 9.09 -37.27 -7.28
CA GLU C 31 9.97 -36.15 -7.01
C GLU C 31 9.81 -35.61 -5.60
N LEU C 32 8.57 -35.50 -5.14
CA LEU C 32 8.33 -35.01 -3.79
C LEU C 32 8.97 -35.92 -2.74
N GLN C 33 8.87 -37.23 -2.95
CA GLN C 33 9.46 -38.18 -2.02
C GLN C 33 10.96 -37.97 -1.93
N HIS C 34 11.62 -37.86 -3.07
CA HIS C 34 13.06 -37.66 -3.11
C HIS C 34 13.43 -36.38 -2.35
N ARG C 35 12.64 -35.33 -2.56
CA ARG C 35 12.88 -34.05 -1.90
C ARG C 35 12.78 -34.16 -0.39
N LEU C 36 11.73 -34.82 0.09
CA LEU C 36 11.52 -34.97 1.53
C LEU C 36 12.62 -35.78 2.20
N LEU C 37 13.18 -36.74 1.48
CA LEU C 37 14.23 -37.59 2.03
C LEU C 37 15.64 -37.01 1.89
N ASP C 38 15.78 -35.97 1.08
CA ASP C 38 17.07 -35.34 0.86
C ASP C 38 17.30 -34.12 1.75
N ILE C 39 18.52 -34.01 2.28
CA ILE C 39 18.89 -32.88 3.11
C ILE C 39 20.25 -32.30 2.76
N GLN C 40 21.23 -33.17 2.51
CA GLN C 40 22.60 -32.73 2.23
C GLN C 40 22.94 -32.46 0.77
N ASP C 41 22.09 -32.90 -0.16
CA ASP C 41 22.40 -32.73 -1.58
C ASP C 41 21.58 -31.67 -2.32
N THR C 42 20.47 -32.10 -2.90
CA THR C 42 19.60 -31.20 -3.67
C THR C 42 19.25 -29.94 -2.90
N ARG C 43 18.80 -30.13 -1.67
CA ARG C 43 18.41 -29.03 -0.77
C ARG C 43 19.53 -28.01 -0.58
N LEU C 44 20.72 -28.51 -0.24
CA LEU C 44 21.87 -27.62 -0.02
C LEU C 44 22.27 -26.88 -1.29
N LYS C 45 22.21 -27.56 -2.42
CA LYS C 45 22.58 -26.94 -3.69
C LYS C 45 21.63 -25.77 -4.00
N LEU C 46 20.35 -25.95 -3.69
CA LEU C 46 19.38 -24.89 -3.93
C LEU C 46 19.60 -23.73 -2.97
N MET C 47 19.98 -24.04 -1.73
CA MET C 47 20.26 -23.00 -0.75
C MET C 47 21.45 -22.17 -1.24
N ASP C 48 22.45 -22.85 -1.79
CA ASP C 48 23.63 -22.16 -2.28
C ASP C 48 23.33 -21.32 -3.52
N ALA C 49 22.35 -21.74 -4.32
CA ALA C 49 22.01 -21.02 -5.53
C ALA C 49 21.03 -19.90 -5.28
N HIS C 50 20.29 -19.97 -4.17
CA HIS C 50 19.28 -18.96 -3.88
C HIS C 50 19.44 -18.18 -2.58
N GLY C 51 20.68 -17.84 -2.27
CA GLY C 51 21.00 -17.04 -1.10
C GLY C 51 20.44 -17.40 0.26
N ILE C 52 20.31 -18.70 0.55
CA ILE C 52 19.82 -19.12 1.85
C ILE C 52 21.00 -19.69 2.63
N GLU C 53 21.37 -19.02 3.70
CA GLU C 53 22.48 -19.44 4.53
C GLU C 53 22.05 -20.43 5.60
N THR C 54 20.93 -20.12 6.24
CA THR C 54 20.41 -20.94 7.33
C THR C 54 19.06 -21.53 7.04
N MET C 55 18.92 -22.85 7.21
CA MET C 55 17.65 -23.51 7.01
C MET C 55 17.27 -24.23 8.30
N ILE C 56 16.16 -23.82 8.91
CA ILE C 56 15.71 -24.48 10.14
C ILE C 56 14.74 -25.56 9.68
N LEU C 57 15.17 -26.81 9.84
CA LEU C 57 14.41 -27.98 9.41
C LEU C 57 13.34 -28.49 10.38
N SER C 58 12.31 -29.10 9.82
CA SER C 58 11.22 -29.67 10.60
C SER C 58 10.60 -30.86 9.88
N LEU C 59 10.10 -31.82 10.66
CA LEU C 59 9.47 -33.02 10.11
C LEU C 59 8.20 -32.62 9.36
N ASN C 60 7.76 -33.46 8.41
CA ASN C 60 6.57 -33.16 7.63
C ASN C 60 5.25 -33.28 8.41
N ALA C 61 4.12 -33.17 7.71
CA ALA C 61 2.83 -33.23 8.39
C ALA C 61 1.84 -34.23 7.81
N PRO C 62 0.90 -34.71 8.64
CA PRO C 62 0.71 -34.38 10.05
C PRO C 62 1.72 -35.06 10.97
N ALA C 63 2.35 -36.12 10.46
CA ALA C 63 3.34 -36.86 11.22
C ALA C 63 2.89 -37.27 12.63
N VAL C 64 3.66 -36.88 13.63
CA VAL C 64 3.39 -37.24 15.02
C VAL C 64 1.98 -36.88 15.51
N GLN C 65 1.45 -35.74 15.08
CA GLN C 65 0.12 -35.34 15.52
C GLN C 65 -1.00 -36.26 15.06
N ALA C 66 -0.68 -37.17 14.13
CA ALA C 66 -1.69 -38.10 13.62
C ALA C 66 -1.48 -39.52 14.13
N ILE C 67 -0.67 -39.65 15.17
CA ILE C 67 -0.38 -40.96 15.77
C ILE C 67 -1.11 -41.02 17.11
N PRO C 68 -2.31 -41.65 17.14
CA PRO C 68 -3.13 -41.77 18.35
C PRO C 68 -2.53 -42.51 19.54
N ASP C 69 -1.70 -43.51 19.28
CA ASP C 69 -1.08 -44.26 20.38
C ASP C 69 0.09 -43.48 20.97
N ARG C 70 -0.04 -43.13 22.25
CA ARG C 70 1.00 -42.36 22.94
C ARG C 70 2.40 -42.94 22.77
N ARG C 71 2.60 -44.18 23.21
CA ARG C 71 3.90 -44.81 23.11
C ARG C 71 4.49 -44.70 21.70
N LYS C 72 3.68 -45.00 20.69
CA LYS C 72 4.14 -44.94 19.31
C LYS C 72 4.51 -43.52 18.91
N ALA C 73 3.65 -42.57 19.25
CA ALA C 73 3.90 -41.17 18.92
C ALA C 73 5.22 -40.71 19.54
N ILE C 74 5.45 -41.11 20.79
CA ILE C 74 6.67 -40.76 21.51
C ILE C 74 7.87 -41.37 20.79
N GLU C 75 7.71 -42.59 20.30
CA GLU C 75 8.76 -43.31 19.61
C GLU C 75 9.14 -42.64 18.29
N ILE C 76 8.14 -42.36 17.46
CA ILE C 76 8.35 -41.73 16.17
C ILE C 76 8.94 -40.33 16.29
N ALA C 77 8.48 -39.58 17.27
CA ALA C 77 9.00 -38.23 17.48
C ALA C 77 10.48 -38.30 17.84
N ARG C 78 10.79 -39.14 18.82
CA ARG C 78 12.15 -39.31 19.29
C ARG C 78 13.06 -39.73 18.14
N ARG C 79 12.57 -40.65 17.30
CA ARG C 79 13.32 -41.14 16.15
C ARG C 79 13.56 -40.01 15.16
N ALA C 80 12.50 -39.26 14.85
CA ALA C 80 12.60 -38.16 13.90
C ALA C 80 13.56 -37.09 14.41
N ASN C 81 13.57 -36.84 15.72
CA ASN C 81 14.45 -35.84 16.29
C ASN C 81 15.91 -36.30 16.29
N ASP C 82 16.14 -37.59 16.53
CA ASP C 82 17.51 -38.09 16.52
C ASP C 82 18.08 -38.03 15.11
N VAL C 83 17.25 -38.35 14.12
CA VAL C 83 17.64 -38.31 12.72
C VAL C 83 18.00 -36.87 12.35
N LEU C 84 17.12 -35.95 12.69
CA LEU C 84 17.35 -34.55 12.40
C LEU C 84 18.62 -34.03 13.06
N ALA C 85 18.83 -34.41 14.32
CA ALA C 85 20.03 -33.99 15.05
C ALA C 85 21.29 -34.43 14.30
N GLU C 86 21.27 -35.67 13.83
CA GLU C 86 22.41 -36.22 13.09
C GLU C 86 22.65 -35.48 11.78
N GLU C 87 21.58 -35.13 11.07
CA GLU C 87 21.72 -34.43 9.80
C GLU C 87 22.26 -33.01 10.00
N CYS C 88 21.80 -32.34 11.05
CA CYS C 88 22.26 -30.97 11.31
C CYS C 88 23.74 -30.96 11.71
N ALA C 89 24.17 -32.00 12.42
CA ALA C 89 25.55 -32.09 12.88
C ALA C 89 26.56 -32.14 11.73
N LYS C 90 26.11 -32.61 10.56
CA LYS C 90 26.98 -32.71 9.39
C LYS C 90 27.34 -31.35 8.80
N ARG C 91 26.44 -30.38 9.00
CA ARG C 91 26.64 -29.02 8.48
C ARG C 91 25.97 -28.04 9.42
N PRO C 92 26.48 -27.93 10.66
CA PRO C 92 25.94 -27.04 11.69
C PRO C 92 25.92 -25.57 11.32
N ASP C 93 26.70 -25.20 10.31
CA ASP C 93 26.75 -23.81 9.85
C ASP C 93 25.62 -23.49 8.87
N ARG C 94 24.87 -24.50 8.45
CA ARG C 94 23.78 -24.30 7.51
C ARG C 94 22.42 -24.81 7.96
N PHE C 95 22.42 -25.82 8.83
CA PHE C 95 21.17 -26.42 9.30
C PHE C 95 20.91 -26.33 10.79
N LEU C 96 19.68 -25.92 11.14
CA LEU C 96 19.23 -25.84 12.52
C LEU C 96 17.97 -26.70 12.58
N ALA C 97 17.48 -26.99 13.77
CA ALA C 97 16.32 -27.87 13.86
C ALA C 97 15.18 -27.48 14.80
N PHE C 98 13.98 -27.86 14.38
CA PHE C 98 12.75 -27.65 15.16
C PHE C 98 12.41 -29.05 15.67
N ALA C 99 11.93 -29.14 16.90
CA ALA C 99 11.58 -30.43 17.48
C ALA C 99 10.19 -30.91 17.09
N ALA C 100 10.06 -32.23 16.94
CA ALA C 100 8.79 -32.87 16.64
C ALA C 100 8.35 -33.29 18.04
N LEU C 101 7.08 -33.07 18.38
CA LEU C 101 6.62 -33.40 19.73
C LEU C 101 5.38 -34.29 19.80
N PRO C 102 5.39 -35.25 20.74
CA PRO C 102 4.27 -36.18 20.94
C PRO C 102 3.30 -35.55 21.93
N LEU C 103 2.62 -34.50 21.50
CA LEU C 103 1.69 -33.79 22.37
C LEU C 103 0.44 -34.54 22.79
N GLN C 104 0.22 -35.74 22.28
CA GLN C 104 -0.94 -36.49 22.72
C GLN C 104 -0.63 -36.99 24.13
N ASP C 105 0.58 -36.71 24.58
CA ASP C 105 1.06 -37.06 25.92
C ASP C 105 1.82 -35.83 26.42
N PRO C 106 1.12 -34.88 27.05
CA PRO C 106 1.70 -33.64 27.58
C PRO C 106 3.06 -33.77 28.27
N ASP C 107 3.16 -34.67 29.25
CA ASP C 107 4.42 -34.84 29.96
C ASP C 107 5.55 -35.35 29.06
N ALA C 108 5.22 -36.28 28.18
CA ALA C 108 6.21 -36.85 27.27
C ALA C 108 6.71 -35.77 26.32
N ALA C 109 5.80 -34.91 25.87
CA ALA C 109 6.14 -33.83 24.96
C ALA C 109 7.05 -32.80 25.63
N THR C 110 6.78 -32.50 26.90
CA THR C 110 7.60 -31.55 27.63
C THR C 110 9.03 -32.07 27.75
N GLU C 111 9.16 -33.35 28.09
CA GLU C 111 10.47 -33.96 28.24
C GLU C 111 11.24 -34.02 26.93
N GLU C 112 10.55 -34.32 25.83
CA GLU C 112 11.19 -34.40 24.53
C GLU C 112 11.67 -33.02 24.08
N LEU C 113 10.91 -31.97 24.42
CA LEU C 113 11.33 -30.63 24.04
C LEU C 113 12.59 -30.25 24.80
N GLN C 114 12.61 -30.60 26.09
CA GLN C 114 13.77 -30.31 26.93
C GLN C 114 14.99 -31.06 26.41
N ARG C 115 14.76 -32.31 26.03
CA ARG C 115 15.82 -33.16 25.50
C ARG C 115 16.38 -32.53 24.22
N CYS C 116 15.49 -32.16 23.31
CA CYS C 116 15.90 -31.54 22.05
C CYS C 116 16.63 -30.22 22.23
N VAL C 117 16.06 -29.33 23.05
CA VAL C 117 16.65 -28.03 23.28
C VAL C 117 17.95 -28.07 24.09
N ASN C 118 17.93 -28.77 25.23
CA ASN C 118 19.09 -28.85 26.09
C ASN C 118 20.21 -29.79 25.64
N ASP C 119 19.85 -30.96 25.12
CA ASP C 119 20.87 -31.93 24.71
C ASP C 119 21.18 -32.00 23.22
N LEU C 120 20.24 -31.61 22.37
CA LEU C 120 20.47 -31.67 20.93
C LEU C 120 20.65 -30.31 20.29
N GLY C 121 20.48 -29.24 21.07
CA GLY C 121 20.64 -27.89 20.55
C GLY C 121 19.57 -27.40 19.60
N PHE C 122 18.37 -27.99 19.67
CA PHE C 122 17.29 -27.54 18.78
C PHE C 122 16.89 -26.12 19.18
N VAL C 123 16.38 -25.36 18.22
CA VAL C 123 16.01 -23.97 18.46
C VAL C 123 14.52 -23.65 18.57
N GLY C 124 13.70 -24.69 18.63
CA GLY C 124 12.26 -24.48 18.74
C GLY C 124 11.51 -25.76 18.47
N ALA C 125 10.19 -25.64 18.34
CA ALA C 125 9.36 -26.80 18.06
C ALA C 125 8.38 -26.47 16.95
N LEU C 126 8.05 -27.47 16.14
CA LEU C 126 7.08 -27.30 15.07
C LEU C 126 6.06 -28.41 15.23
N VAL C 127 4.81 -28.01 15.40
CA VAL C 127 3.71 -28.94 15.62
C VAL C 127 2.60 -28.72 14.60
N ASN C 128 2.12 -29.81 14.01
CA ASN C 128 1.09 -29.74 13.00
C ASN C 128 -0.32 -29.70 13.56
N GLY C 129 -0.65 -28.59 14.18
CA GLY C 129 -1.99 -28.42 14.73
C GLY C 129 -2.34 -29.38 15.85
N PHE C 130 -3.65 -29.61 16.00
CA PHE C 130 -4.16 -30.48 17.05
C PHE C 130 -3.61 -31.91 17.01
N SER C 131 -3.65 -32.56 18.16
CA SER C 131 -3.19 -33.94 18.30
C SER C 131 -4.35 -34.91 18.37
N GLN C 132 -4.07 -36.15 18.01
CA GLN C 132 -5.04 -37.25 18.07
C GLN C 132 -4.51 -38.21 19.12
N GLU C 133 -5.40 -38.83 19.88
CA GLU C 133 -4.99 -39.75 20.93
C GLU C 133 -6.10 -40.76 21.19
N GLY C 134 -5.72 -41.95 21.68
CA GLY C 134 -6.72 -42.97 21.96
C GLY C 134 -7.38 -43.44 20.69
N ASP C 135 -8.69 -43.25 20.58
CA ASP C 135 -9.41 -43.64 19.38
C ASP C 135 -9.13 -42.62 18.30
N GLY C 136 -8.48 -41.53 18.68
CA GLY C 136 -8.12 -40.47 17.75
C GLY C 136 -9.27 -39.78 17.07
N GLN C 137 -10.44 -39.76 17.72
CA GLN C 137 -11.61 -39.14 17.14
C GLN C 137 -11.89 -37.74 17.68
N THR C 138 -11.02 -37.26 18.56
CA THR C 138 -11.19 -35.95 19.16
C THR C 138 -9.98 -35.04 18.93
N PRO C 139 -10.17 -33.90 18.26
CA PRO C 139 -9.03 -33.01 18.03
C PRO C 139 -8.63 -32.36 19.35
N LEU C 140 -7.35 -32.51 19.72
CA LEU C 140 -6.85 -31.95 20.96
C LEU C 140 -6.10 -30.64 20.74
N TYR C 141 -6.73 -29.53 21.12
CA TYR C 141 -6.13 -28.21 20.96
C TYR C 141 -5.29 -27.84 22.18
N TYR C 142 -4.22 -27.08 21.93
CA TYR C 142 -3.29 -26.72 22.99
C TYR C 142 -3.64 -25.61 23.97
N ASP C 143 -4.89 -25.13 23.92
CA ASP C 143 -5.34 -24.11 24.84
C ASP C 143 -5.95 -24.83 26.05
N LEU C 144 -6.13 -26.13 25.92
CA LEU C 144 -6.71 -26.94 27.00
C LEU C 144 -5.81 -26.89 28.24
N PRO C 145 -6.41 -26.99 29.44
CA PRO C 145 -5.69 -26.97 30.71
C PRO C 145 -4.49 -27.89 30.86
N GLN C 146 -4.60 -29.11 30.34
CA GLN C 146 -3.51 -30.08 30.47
C GLN C 146 -2.21 -29.67 29.78
N TYR C 147 -2.28 -28.66 28.90
CA TYR C 147 -1.07 -28.22 28.20
C TYR C 147 -0.39 -27.02 28.82
N ARG C 148 -0.98 -26.47 29.88
CA ARG C 148 -0.38 -25.31 30.54
C ARG C 148 1.04 -25.59 31.06
N PRO C 149 1.27 -26.78 31.66
CA PRO C 149 2.62 -27.05 32.15
C PRO C 149 3.62 -27.01 30.99
N PHE C 150 3.20 -27.56 29.86
CA PHE C 150 4.03 -27.59 28.66
C PHE C 150 4.41 -26.18 28.22
N TRP C 151 3.42 -25.30 28.12
CA TRP C 151 3.70 -23.93 27.71
C TRP C 151 4.62 -23.23 28.68
N GLY C 152 4.49 -23.54 29.96
CA GLY C 152 5.35 -22.93 30.96
C GLY C 152 6.80 -23.31 30.68
N GLU C 153 7.00 -24.55 30.22
CA GLU C 153 8.34 -25.03 29.92
C GLU C 153 8.85 -24.39 28.62
N VAL C 154 7.96 -24.26 27.64
CA VAL C 154 8.34 -23.64 26.38
C VAL C 154 8.87 -22.24 26.65
N GLU C 155 8.17 -21.52 27.52
CA GLU C 155 8.56 -20.16 27.87
C GLU C 155 9.87 -20.16 28.66
N LYS C 156 10.04 -21.16 29.53
CA LYS C 156 11.25 -21.27 30.33
C LYS C 156 12.46 -21.49 29.43
N LEU C 157 12.33 -22.44 28.51
CA LEU C 157 13.39 -22.77 27.57
C LEU C 157 13.60 -21.59 26.62
N ASP C 158 12.56 -20.77 26.49
CA ASP C 158 12.59 -19.59 25.62
C ASP C 158 12.94 -19.89 24.17
N VAL C 159 12.18 -20.79 23.56
CA VAL C 159 12.35 -21.14 22.16
C VAL C 159 10.97 -21.00 21.52
N PRO C 160 10.92 -20.60 20.24
CA PRO C 160 9.64 -20.43 19.54
C PRO C 160 8.89 -21.72 19.24
N PHE C 161 7.57 -21.58 19.12
CA PHE C 161 6.68 -22.69 18.82
C PHE C 161 6.03 -22.39 17.48
N TYR C 162 6.31 -23.22 16.47
CA TYR C 162 5.75 -23.01 15.14
C TYR C 162 4.47 -23.83 15.03
N LEU C 163 3.33 -23.13 14.96
CA LEU C 163 2.04 -23.81 14.82
C LEU C 163 1.76 -23.99 13.34
N HIS C 164 2.07 -25.20 12.85
CA HIS C 164 1.92 -25.57 11.45
C HIS C 164 0.54 -26.19 11.16
N PRO C 165 0.09 -26.12 9.89
CA PRO C 165 -1.21 -26.69 9.54
C PRO C 165 -1.31 -28.23 9.50
N ARG C 166 -2.55 -28.68 9.42
CA ARG C 166 -2.93 -30.09 9.26
C ARG C 166 -4.39 -29.98 8.87
N ASN C 167 -4.95 -31.03 8.29
CA ASN C 167 -6.35 -31.03 7.90
C ASN C 167 -7.21 -31.42 9.09
N PRO C 168 -8.46 -30.95 9.12
CA PRO C 168 -9.32 -31.32 10.24
C PRO C 168 -9.76 -32.77 10.03
N LEU C 169 -10.30 -33.40 11.06
CA LEU C 169 -10.77 -34.77 10.95
C LEU C 169 -12.02 -34.74 10.07
N PRO C 170 -12.30 -35.84 9.36
CA PRO C 170 -13.47 -35.91 8.48
C PRO C 170 -14.78 -35.46 9.12
N GLN C 171 -15.04 -35.89 10.34
CA GLN C 171 -16.27 -35.50 11.01
C GLN C 171 -16.33 -33.99 11.27
N ASP C 172 -15.19 -33.33 11.10
CA ASP C 172 -15.12 -31.89 11.31
C ASP C 172 -14.85 -31.14 10.02
N SER C 173 -15.11 -31.78 8.89
CA SER C 173 -14.87 -31.16 7.59
C SER C 173 -16.02 -31.30 6.61
N ARG C 174 -17.24 -31.43 7.11
CA ARG C 174 -18.40 -31.57 6.23
C ARG C 174 -18.54 -30.41 5.26
N ILE C 175 -18.14 -29.22 5.68
CA ILE C 175 -18.25 -28.06 4.81
C ILE C 175 -17.44 -28.27 3.53
N TYR C 176 -16.47 -29.18 3.58
CA TYR C 176 -15.64 -29.47 2.41
C TYR C 176 -16.08 -30.73 1.66
N ASP C 177 -17.11 -31.41 2.14
CA ASP C 177 -17.59 -32.63 1.49
C ASP C 177 -17.89 -32.40 0.02
N GLY C 178 -17.29 -33.24 -0.83
CA GLY C 178 -17.50 -33.11 -2.26
C GLY C 178 -16.49 -32.20 -2.91
N HIS C 179 -15.67 -31.56 -2.08
CA HIS C 179 -14.64 -30.63 -2.56
C HIS C 179 -13.29 -30.93 -1.92
N PRO C 180 -12.72 -32.11 -2.23
CA PRO C 180 -11.42 -32.47 -1.66
C PRO C 180 -10.32 -31.46 -2.02
N TRP C 181 -10.53 -30.74 -3.13
CA TRP C 181 -9.58 -29.74 -3.60
C TRP C 181 -9.52 -28.52 -2.69
N LEU C 182 -10.44 -28.44 -1.73
CA LEU C 182 -10.44 -27.31 -0.79
C LEU C 182 -9.69 -27.66 0.49
N LEU C 183 -9.35 -28.92 0.65
CA LEU C 183 -8.59 -29.36 1.81
C LEU C 183 -7.13 -28.98 1.57
N GLY C 184 -6.29 -29.17 2.58
CA GLY C 184 -4.88 -28.86 2.42
C GLY C 184 -4.52 -27.40 2.27
N PRO C 185 -3.40 -27.09 1.59
CA PRO C 185 -2.94 -25.72 1.37
C PRO C 185 -3.89 -24.77 0.64
N THR C 186 -4.86 -25.33 -0.09
CA THR C 186 -5.81 -24.48 -0.81
C THR C 186 -6.61 -23.62 0.16
N TRP C 187 -7.07 -24.21 1.26
CA TRP C 187 -7.85 -23.45 2.23
C TRP C 187 -7.95 -24.06 3.62
N ALA C 188 -8.34 -25.33 3.70
CA ALA C 188 -8.51 -26.01 4.98
C ALA C 188 -7.36 -25.82 5.95
N PHE C 189 -6.13 -25.86 5.45
CA PHE C 189 -4.95 -25.66 6.31
C PHE C 189 -5.00 -24.33 7.05
N ALA C 190 -5.35 -23.26 6.33
CA ALA C 190 -5.40 -21.93 6.92
C ALA C 190 -6.49 -21.79 7.99
N GLN C 191 -7.70 -22.22 7.69
CA GLN C 191 -8.81 -22.14 8.64
C GLN C 191 -8.46 -22.87 9.93
N GLU C 192 -8.00 -24.10 9.78
CA GLU C 192 -7.64 -24.93 10.93
C GLU C 192 -6.60 -24.26 11.82
N THR C 193 -5.56 -23.71 11.21
CA THR C 193 -4.47 -23.08 11.97
C THR C 193 -4.83 -21.72 12.55
N ALA C 194 -5.53 -20.91 11.77
CA ALA C 194 -5.94 -19.59 12.23
C ALA C 194 -6.81 -19.73 13.49
N VAL C 195 -7.79 -20.63 13.44
CA VAL C 195 -8.65 -20.81 14.60
C VAL C 195 -7.88 -21.36 15.80
N HIS C 196 -6.98 -22.32 15.57
CA HIS C 196 -6.19 -22.87 16.67
C HIS C 196 -5.43 -21.72 17.33
N ALA C 197 -4.88 -20.83 16.51
CA ALA C 197 -4.14 -19.68 17.03
C ALA C 197 -5.05 -18.79 17.88
N LEU C 198 -6.26 -18.54 17.38
CA LEU C 198 -7.20 -17.71 18.11
C LEU C 198 -7.63 -18.36 19.43
N ARG C 199 -7.71 -19.70 19.45
CA ARG C 199 -8.08 -20.40 20.68
C ARG C 199 -7.00 -20.15 21.72
N LEU C 200 -5.73 -20.25 21.31
CA LEU C 200 -4.65 -20.01 22.24
C LEU C 200 -4.77 -18.60 22.81
N MET C 201 -5.03 -17.63 21.94
CA MET C 201 -5.17 -16.24 22.36
C MET C 201 -6.31 -16.01 23.34
N ALA C 202 -7.50 -16.47 22.97
CA ALA C 202 -8.69 -16.29 23.81
C ALA C 202 -8.59 -16.98 25.17
N SER C 203 -7.83 -18.06 25.23
CA SER C 203 -7.68 -18.83 26.48
C SER C 203 -6.92 -18.09 27.58
N GLY C 204 -6.21 -17.03 27.22
CA GLY C 204 -5.47 -16.28 28.21
C GLY C 204 -4.05 -16.82 28.37
N LEU C 205 -3.67 -17.74 27.50
CA LEU C 205 -2.34 -18.34 27.55
C LEU C 205 -1.23 -17.30 27.59
N PHE C 206 -1.37 -16.24 26.81
CA PHE C 206 -0.33 -15.22 26.76
C PHE C 206 -0.35 -14.22 27.90
N ASP C 207 -1.34 -14.34 28.79
CA ASP C 207 -1.39 -13.48 29.96
C ASP C 207 -0.54 -14.22 30.99
N GLU C 208 -0.70 -15.53 31.03
CA GLU C 208 0.01 -16.41 31.93
C GLU C 208 1.48 -16.58 31.55
N HIS C 209 1.73 -16.63 30.25
CA HIS C 209 3.09 -16.79 29.72
C HIS C 209 3.27 -15.79 28.58
N PRO C 210 3.46 -14.50 28.92
CA PRO C 210 3.64 -13.40 27.98
C PRO C 210 4.89 -13.41 27.12
N ARG C 211 5.90 -14.18 27.52
CA ARG C 211 7.14 -14.23 26.76
C ARG C 211 7.15 -15.28 25.65
N LEU C 212 6.03 -15.99 25.49
CA LEU C 212 5.94 -17.00 24.45
C LEU C 212 6.03 -16.37 23.06
N ASN C 213 6.64 -17.11 22.14
CA ASN C 213 6.78 -16.67 20.76
C ASN C 213 6.17 -17.74 19.85
N ILE C 214 5.06 -17.41 19.21
CA ILE C 214 4.41 -18.35 18.32
C ILE C 214 4.64 -17.92 16.87
N ILE C 215 4.93 -18.89 16.01
CA ILE C 215 5.16 -18.61 14.60
C ILE C 215 4.10 -19.28 13.73
N LEU C 216 3.55 -18.52 12.79
CA LEU C 216 2.56 -19.02 11.86
C LEU C 216 3.10 -18.85 10.44
N GLY C 217 2.90 -19.85 9.59
CA GLY C 217 3.38 -19.71 8.23
C GLY C 217 2.28 -19.16 7.33
N HIS C 218 2.51 -19.22 6.02
CA HIS C 218 1.55 -18.80 5.02
C HIS C 218 0.96 -17.41 5.29
N MET C 219 1.85 -16.52 5.73
CA MET C 219 1.52 -15.14 6.04
C MET C 219 0.42 -14.96 7.08
N GLY C 220 0.45 -15.80 8.11
CA GLY C 220 -0.52 -15.68 9.18
C GLY C 220 -1.84 -16.39 9.00
N GLU C 221 -1.92 -17.27 8.00
CA GLU C 221 -3.12 -18.04 7.76
C GLU C 221 -4.38 -17.19 7.59
N GLY C 222 -4.21 -16.00 7.00
CA GLY C 222 -5.34 -15.11 6.77
C GLY C 222 -5.65 -14.09 7.86
N LEU C 223 -5.09 -14.30 9.04
CA LEU C 223 -5.35 -13.42 10.18
C LEU C 223 -5.16 -11.91 10.03
N PRO C 224 -4.04 -11.46 9.42
CA PRO C 224 -3.86 -10.00 9.30
C PRO C 224 -5.00 -9.20 8.68
N TYR C 225 -5.53 -9.70 7.58
CA TYR C 225 -6.61 -9.04 6.83
C TYR C 225 -7.89 -8.86 7.64
N MET C 226 -8.19 -9.82 8.50
CA MET C 226 -9.42 -9.78 9.28
C MET C 226 -9.22 -9.44 10.76
N MET C 227 -7.98 -9.16 11.16
CA MET C 227 -7.70 -8.87 12.56
C MET C 227 -8.51 -7.72 13.13
N TRP C 228 -8.67 -6.65 12.38
CA TRP C 228 -9.46 -5.52 12.89
C TRP C 228 -10.87 -6.02 13.23
N ARG C 229 -11.49 -6.71 12.28
CA ARG C 229 -12.85 -7.22 12.49
C ARG C 229 -12.96 -8.19 13.67
N ILE C 230 -11.95 -9.03 13.88
CA ILE C 230 -11.97 -9.98 14.98
C ILE C 230 -12.28 -9.33 16.33
N ASP C 231 -11.70 -8.16 16.58
CA ASP C 231 -11.92 -7.44 17.83
C ASP C 231 -13.00 -6.37 17.73
N HIS C 232 -13.03 -5.67 16.61
CA HIS C 232 -13.92 -4.54 16.43
C HIS C 232 -15.32 -4.71 15.84
N ARG C 233 -15.67 -5.93 15.43
CA ARG C 233 -17.01 -6.17 14.89
C ARG C 233 -18.02 -5.71 15.95
N ASN C 234 -19.15 -5.17 15.49
CA ASN C 234 -20.21 -4.69 16.39
C ASN C 234 -19.65 -3.79 17.49
N ALA C 235 -18.80 -2.83 17.12
CA ALA C 235 -18.17 -1.94 18.08
C ALA C 235 -19.12 -1.09 18.94
N TRP C 236 -20.32 -0.79 18.43
CA TRP C 236 -21.25 0.02 19.20
C TRP C 236 -21.66 -0.66 20.51
N VAL C 237 -21.51 -1.98 20.56
CA VAL C 237 -21.86 -2.72 21.78
C VAL C 237 -20.64 -2.67 22.70
N LYS C 238 -20.71 -1.79 23.70
CA LYS C 238 -19.61 -1.61 24.63
C LYS C 238 -19.68 -2.53 25.84
N LEU C 239 -19.85 -3.83 25.57
CA LEU C 239 -19.88 -4.84 26.62
C LEU C 239 -18.58 -5.61 26.46
N PRO C 240 -17.92 -5.94 27.58
CA PRO C 240 -16.65 -6.69 27.48
C PRO C 240 -16.79 -8.12 26.97
N PRO C 241 -15.78 -8.60 26.22
CA PRO C 241 -15.80 -9.96 25.68
C PRO C 241 -15.76 -10.90 26.88
N ARG C 242 -16.34 -12.10 26.76
CA ARG C 242 -16.36 -13.01 27.89
C ARG C 242 -15.30 -14.11 27.92
N TYR C 243 -14.32 -14.04 27.03
CA TYR C 243 -13.26 -15.03 27.03
C TYR C 243 -12.32 -14.80 28.21
N PRO C 244 -11.56 -15.84 28.61
CA PRO C 244 -10.61 -15.77 29.73
C PRO C 244 -9.49 -14.74 29.56
N ALA C 245 -9.07 -14.52 28.32
CA ALA C 245 -7.99 -13.57 28.05
C ALA C 245 -8.35 -12.19 28.58
N LYS C 246 -7.34 -11.47 29.07
CA LYS C 246 -7.58 -10.16 29.62
C LYS C 246 -7.56 -9.02 28.60
N ARG C 247 -6.95 -9.25 27.44
CA ARG C 247 -6.90 -8.20 26.43
C ARG C 247 -7.51 -8.62 25.09
N ARG C 248 -7.25 -7.83 24.05
CA ARG C 248 -7.79 -8.11 22.71
C ARG C 248 -6.92 -9.03 21.86
N PHE C 249 -7.54 -9.65 20.86
CA PHE C 249 -6.79 -10.56 19.98
C PHE C 249 -5.62 -9.84 19.33
N MET C 250 -5.83 -8.61 18.89
CA MET C 250 -4.75 -7.86 18.25
C MET C 250 -3.54 -7.68 19.16
N ASP C 251 -3.78 -7.59 20.46
CA ASP C 251 -2.66 -7.41 21.40
C ASP C 251 -1.75 -8.62 21.40
N TYR C 252 -2.34 -9.81 21.49
CA TYR C 252 -1.56 -11.03 21.51
C TYR C 252 -0.94 -11.31 20.15
N PHE C 253 -1.67 -11.04 19.07
CA PHE C 253 -1.15 -11.27 17.74
C PHE C 253 0.06 -10.37 17.50
N ASN C 254 -0.06 -9.11 17.90
CA ASN C 254 1.00 -8.13 17.73
C ASN C 254 2.20 -8.33 18.65
N GLU C 255 1.97 -8.93 19.81
CA GLU C 255 3.03 -9.11 20.79
C GLU C 255 3.62 -10.50 20.93
N ASN C 256 2.87 -11.53 20.57
CA ASN C 256 3.37 -12.90 20.72
C ASN C 256 3.51 -13.70 19.44
N PHE C 257 3.12 -13.12 18.32
CA PHE C 257 3.19 -13.85 17.06
C PHE C 257 4.13 -13.28 16.03
N HIS C 258 4.59 -14.17 15.15
CA HIS C 258 5.46 -13.84 14.03
C HIS C 258 4.86 -14.65 12.87
N ILE C 259 4.93 -14.14 11.65
CA ILE C 259 4.39 -14.88 10.51
C ILE C 259 5.48 -15.03 9.47
N THR C 260 5.42 -16.08 8.66
CA THR C 260 6.42 -16.30 7.62
C THR C 260 5.78 -16.24 6.24
N THR C 261 6.60 -16.12 5.21
CA THR C 261 6.13 -16.03 3.83
C THR C 261 5.94 -17.39 3.17
N SER C 262 6.01 -18.46 3.95
CA SER C 262 5.88 -19.80 3.37
C SER C 262 4.63 -19.98 2.50
N GLY C 263 4.86 -20.52 1.31
CA GLY C 263 3.79 -20.79 0.36
C GLY C 263 2.82 -19.65 0.10
N ASN C 264 3.26 -18.41 0.30
CA ASN C 264 2.38 -17.27 0.05
C ASN C 264 3.21 -16.11 -0.49
N PHE C 265 3.71 -16.31 -1.70
CA PHE C 265 4.59 -15.37 -2.40
C PHE C 265 3.77 -14.33 -3.13
N ARG C 266 3.09 -13.49 -2.36
CA ARG C 266 2.21 -12.47 -2.91
C ARG C 266 2.55 -11.11 -2.31
N THR C 267 2.98 -10.18 -3.15
CA THR C 267 3.36 -8.87 -2.68
C THR C 267 2.25 -8.10 -1.96
N GLN C 268 1.04 -8.14 -2.51
CA GLN C 268 -0.08 -7.44 -1.89
C GLN C 268 -0.30 -7.91 -0.46
N THR C 269 -0.24 -9.23 -0.29
CA THR C 269 -0.42 -9.85 1.02
C THR C 269 0.68 -9.40 1.97
N LEU C 270 1.90 -9.29 1.48
CA LEU C 270 3.02 -8.85 2.29
C LEU C 270 2.86 -7.39 2.71
N ILE C 271 2.37 -6.56 1.80
CA ILE C 271 2.17 -5.14 2.12
C ILE C 271 1.12 -5.01 3.21
N ASP C 272 0.02 -5.76 3.08
CA ASP C 272 -1.04 -5.73 4.09
C ASP C 272 -0.46 -6.12 5.44
N ALA C 273 0.32 -7.20 5.45
CA ALA C 273 0.94 -7.66 6.70
C ALA C 273 1.87 -6.61 7.29
N ILE C 274 2.63 -5.93 6.43
CA ILE C 274 3.54 -4.91 6.92
C ILE C 274 2.79 -3.78 7.59
N LEU C 275 1.60 -3.46 7.06
CA LEU C 275 0.79 -2.39 7.62
C LEU C 275 -0.09 -2.85 8.79
N GLU C 276 -0.02 -4.14 9.12
CA GLU C 276 -0.81 -4.67 10.23
C GLU C 276 0.02 -5.16 11.40
N ILE C 277 0.98 -6.05 11.13
CA ILE C 277 1.82 -6.59 12.20
C ILE C 277 3.21 -5.95 12.19
N GLY C 278 3.60 -5.40 11.06
CA GLY C 278 4.91 -4.75 10.96
C GLY C 278 6.00 -5.66 10.41
N ALA C 279 6.94 -5.06 9.68
CA ALA C 279 8.04 -5.83 9.08
C ALA C 279 8.91 -6.54 10.11
N ASP C 280 8.95 -6.03 11.35
CA ASP C 280 9.77 -6.65 12.38
C ASP C 280 9.26 -8.03 12.78
N ARG C 281 8.03 -8.37 12.39
CA ARG C 281 7.48 -9.67 12.77
C ARG C 281 7.12 -10.56 11.60
N ILE C 282 7.75 -10.32 10.46
CA ILE C 282 7.52 -11.12 9.26
C ILE C 282 8.86 -11.78 8.92
N LEU C 283 8.82 -13.07 8.61
CA LEU C 283 10.02 -13.84 8.31
C LEU C 283 9.94 -14.57 6.98
N PHE C 284 11.06 -14.60 6.26
CA PHE C 284 11.11 -15.33 5.00
C PHE C 284 11.07 -16.82 5.33
N SER C 285 10.45 -17.60 4.44
CA SER C 285 10.33 -19.05 4.53
C SER C 285 9.78 -19.53 3.19
N THR C 286 10.00 -20.79 2.84
CA THR C 286 9.56 -21.28 1.54
C THR C 286 8.49 -22.37 1.51
N ASP C 287 8.57 -23.29 2.47
CA ASP C 287 7.68 -24.45 2.58
C ASP C 287 8.20 -25.57 1.67
N TRP C 288 9.50 -25.52 1.40
CA TRP C 288 10.13 -26.56 0.58
C TRP C 288 9.96 -27.84 1.39
N PRO C 289 9.79 -28.99 0.72
CA PRO C 289 9.75 -29.24 -0.72
C PRO C 289 8.38 -29.12 -1.38
N PHE C 290 7.39 -28.63 -0.64
CA PHE C 290 6.05 -28.47 -1.19
C PHE C 290 5.97 -27.24 -2.09
N GLU C 291 6.96 -26.36 -1.95
CA GLU C 291 7.08 -25.17 -2.78
C GLU C 291 8.52 -25.17 -3.27
N ASN C 292 8.76 -24.67 -4.47
CA ASN C 292 10.11 -24.60 -5.01
C ASN C 292 10.87 -23.48 -4.31
N ILE C 293 12.13 -23.73 -3.97
CA ILE C 293 12.96 -22.73 -3.30
C ILE C 293 13.20 -21.55 -4.23
N ASP C 294 13.37 -21.80 -5.52
CA ASP C 294 13.60 -20.72 -6.46
C ASP C 294 12.36 -19.82 -6.57
N HIS C 295 11.18 -20.42 -6.48
CA HIS C 295 9.94 -19.64 -6.54
C HIS C 295 9.90 -18.67 -5.37
N ALA C 296 10.17 -19.19 -4.18
CA ALA C 296 10.15 -18.37 -2.96
C ALA C 296 11.20 -17.27 -2.98
N SER C 297 12.43 -17.64 -3.31
CA SER C 297 13.53 -16.68 -3.33
C SER C 297 13.42 -15.63 -4.42
N ASP C 298 13.06 -16.04 -5.63
CA ASP C 298 12.93 -15.08 -6.72
C ASP C 298 11.85 -14.05 -6.38
N TRP C 299 10.75 -14.51 -5.80
CA TRP C 299 9.68 -13.59 -5.42
C TRP C 299 10.17 -12.64 -4.33
N PHE C 300 10.73 -13.19 -3.27
CA PHE C 300 11.18 -12.35 -2.17
C PHE C 300 12.28 -11.37 -2.54
N ASN C 301 13.21 -11.79 -3.40
CA ASN C 301 14.29 -10.90 -3.79
C ASN C 301 13.78 -9.63 -4.48
N ALA C 302 12.62 -9.72 -5.12
CA ALA C 302 12.08 -8.56 -5.85
C ALA C 302 10.77 -7.97 -5.34
N THR C 303 10.23 -8.50 -4.24
CA THR C 303 8.97 -7.96 -3.74
C THR C 303 9.11 -6.47 -3.38
N SER C 304 8.00 -5.75 -3.52
CA SER C 304 7.99 -4.30 -3.32
C SER C 304 8.01 -3.73 -1.91
N ILE C 305 9.14 -3.91 -1.22
CA ILE C 305 9.30 -3.40 0.13
C ILE C 305 10.62 -2.63 0.25
N ALA C 306 10.84 -1.98 1.38
CA ALA C 306 12.08 -1.22 1.58
C ALA C 306 13.23 -2.22 1.66
N GLU C 307 14.39 -1.85 1.13
CA GLU C 307 15.54 -2.76 1.19
C GLU C 307 15.89 -3.08 2.64
N ALA C 308 15.70 -2.12 3.54
CA ALA C 308 15.98 -2.34 4.95
C ALA C 308 15.09 -3.46 5.49
N ASP C 309 13.85 -3.48 5.03
CA ASP C 309 12.92 -4.51 5.46
C ASP C 309 13.19 -5.84 4.79
N ARG C 310 13.75 -5.82 3.58
CA ARG C 310 14.07 -7.07 2.89
C ARG C 310 15.15 -7.77 3.73
N VAL C 311 16.08 -6.98 4.26
CA VAL C 311 17.14 -7.54 5.09
C VAL C 311 16.57 -8.12 6.39
N LYS C 312 15.65 -7.38 7.02
CA LYS C 312 15.05 -7.86 8.26
C LYS C 312 14.21 -9.10 8.06
N ILE C 313 13.27 -9.05 7.11
CA ILE C 313 12.40 -10.18 6.84
C ILE C 313 13.19 -11.37 6.30
N GLY C 314 14.19 -11.10 5.48
CA GLY C 314 14.96 -12.19 4.91
C GLY C 314 16.02 -12.80 5.82
N ARG C 315 16.49 -12.04 6.80
CA ARG C 315 17.57 -12.55 7.66
C ARG C 315 17.62 -12.14 9.13
N THR C 316 17.75 -10.84 9.40
CA THR C 316 17.91 -10.41 10.78
C THR C 316 16.78 -10.62 11.76
N ASN C 317 15.54 -10.65 11.29
CA ASN C 317 14.43 -10.91 12.22
C ASN C 317 14.60 -12.31 12.79
N ALA C 318 14.94 -13.26 11.92
CA ALA C 318 15.14 -14.64 12.33
C ALA C 318 16.40 -14.80 13.18
N ARG C 319 17.46 -14.10 12.81
CA ARG C 319 18.71 -14.18 13.58
C ARG C 319 18.44 -13.73 15.01
N ARG C 320 17.63 -12.68 15.15
CA ARG C 320 17.30 -12.14 16.46
C ARG C 320 16.38 -13.09 17.24
N LEU C 321 15.33 -13.55 16.59
CA LEU C 321 14.37 -14.44 17.22
C LEU C 321 14.99 -15.74 17.75
N PHE C 322 15.90 -16.32 16.98
CA PHE C 322 16.54 -17.55 17.41
C PHE C 322 17.91 -17.36 18.06
N LYS C 323 18.20 -16.13 18.45
CA LYS C 323 19.46 -15.79 19.11
C LYS C 323 20.70 -16.31 18.41
N LEU C 324 20.78 -16.09 17.10
CA LEU C 324 21.93 -16.58 16.33
C LEU C 324 23.14 -15.66 16.37
N ASP C 325 22.97 -14.46 16.93
CA ASP C 325 24.07 -13.50 17.00
C ASP C 325 24.69 -13.48 18.40
N GLY C 326 24.43 -14.51 19.19
CA GLY C 326 24.98 -14.57 20.53
C GLY C 326 24.03 -15.22 21.53
N MET D 1 -18.75 12.17 2.28
CA MET D 1 -19.36 11.87 0.96
C MET D 1 -20.88 11.71 1.05
N GLN D 2 -21.59 12.32 0.10
CA GLN D 2 -23.04 12.24 0.04
C GLN D 2 -23.46 11.32 -1.10
N GLY D 3 -24.73 10.94 -1.11
CA GLY D 3 -25.27 10.10 -2.16
C GLY D 3 -24.76 8.66 -2.21
N LYS D 4 -24.35 8.14 -1.06
CA LYS D 4 -23.85 6.78 -1.01
C LYS D 4 -24.96 5.74 -1.07
N VAL D 5 -24.58 4.54 -1.47
CA VAL D 5 -25.50 3.42 -1.54
C VAL D 5 -24.94 2.42 -0.51
N ALA D 6 -25.82 1.85 0.30
CA ALA D 6 -25.41 0.86 1.31
C ALA D 6 -26.28 -0.37 1.05
N LEU D 7 -25.66 -1.55 1.00
CA LEU D 7 -26.44 -2.75 0.70
C LEU D 7 -26.37 -3.98 1.60
N GLU D 8 -25.92 -3.83 2.85
CA GLU D 8 -25.98 -4.94 3.80
C GLU D 8 -26.54 -4.23 5.02
N GLU D 9 -27.82 -3.88 4.91
CA GLU D 9 -28.55 -3.15 5.93
C GLU D 9 -29.78 -3.98 6.24
N HIS D 10 -29.84 -4.47 7.47
CA HIS D 10 -30.88 -5.39 7.89
C HIS D 10 -32.07 -4.88 8.70
N PHE D 11 -33.14 -5.68 8.66
CA PHE D 11 -34.36 -5.41 9.38
C PHE D 11 -34.89 -6.78 9.77
N ALA D 12 -35.92 -6.81 10.62
CA ALA D 12 -36.49 -8.08 11.01
C ALA D 12 -37.99 -7.93 11.20
N ILE D 13 -38.68 -9.07 11.17
CA ILE D 13 -40.12 -9.08 11.42
C ILE D 13 -40.19 -9.81 12.76
N PRO D 14 -41.27 -9.63 13.51
CA PRO D 14 -41.34 -10.32 14.80
C PRO D 14 -41.00 -11.81 14.74
N GLU D 15 -41.34 -12.46 13.63
CA GLU D 15 -41.07 -13.89 13.46
C GLU D 15 -39.58 -14.24 13.46
N THR D 16 -38.74 -13.34 12.96
CA THR D 16 -37.31 -13.60 12.89
C THR D 16 -36.50 -12.79 13.91
N LEU D 17 -37.18 -11.94 14.66
CA LEU D 17 -36.53 -11.08 15.64
C LEU D 17 -35.63 -11.86 16.61
N GLN D 18 -36.10 -13.02 17.06
CA GLN D 18 -35.34 -13.84 18.00
C GLN D 18 -34.06 -14.41 17.39
N ASP D 19 -34.00 -14.46 16.07
CA ASP D 19 -32.84 -15.00 15.37
C ASP D 19 -31.58 -14.17 15.63
N SER D 20 -31.75 -12.92 16.05
CA SER D 20 -30.62 -12.04 16.31
C SER D 20 -30.41 -11.84 17.81
N VAL D 24 -27.10 -11.33 25.21
CA VAL D 24 -27.04 -10.73 26.57
C VAL D 24 -28.16 -9.73 26.81
N PRO D 25 -29.05 -10.03 27.78
CA PRO D 25 -30.18 -9.16 28.12
C PRO D 25 -29.71 -7.79 28.61
N GLY D 26 -30.46 -6.74 28.26
CA GLY D 26 -30.08 -5.41 28.69
C GLY D 26 -30.44 -4.33 27.69
N ASP D 27 -29.90 -3.13 27.92
CA ASP D 27 -30.17 -1.99 27.06
C ASP D 27 -29.73 -2.21 25.61
N TYR D 28 -28.61 -2.92 25.41
CA TYR D 28 -28.12 -3.17 24.06
C TYR D 28 -29.06 -4.07 23.24
N TRP D 29 -29.58 -5.12 23.88
CA TRP D 29 -30.49 -6.03 23.19
C TRP D 29 -31.80 -5.31 22.86
N LYS D 30 -32.25 -4.45 23.78
CA LYS D 30 -33.48 -3.70 23.57
C LYS D 30 -33.28 -2.73 22.41
N GLU D 31 -32.12 -2.10 22.36
CA GLU D 31 -31.80 -1.15 21.30
C GLU D 31 -31.68 -1.86 19.96
N LEU D 32 -31.03 -3.02 19.94
CA LEU D 32 -30.88 -3.74 18.69
C LEU D 32 -32.25 -4.17 18.14
N GLN D 33 -33.15 -4.56 19.03
CA GLN D 33 -34.49 -4.96 18.61
C GLN D 33 -35.21 -3.78 17.98
N HIS D 34 -35.11 -2.63 18.62
CA HIS D 34 -35.74 -1.42 18.09
C HIS D 34 -35.20 -1.10 16.69
N ARG D 35 -33.88 -1.16 16.54
CA ARG D 35 -33.23 -0.88 15.27
C ARG D 35 -33.69 -1.83 14.16
N LEU D 36 -33.78 -3.11 14.49
CA LEU D 36 -34.20 -4.11 13.50
C LEU D 36 -35.62 -3.89 13.01
N LEU D 37 -36.50 -3.45 13.90
CA LEU D 37 -37.90 -3.22 13.54
C LEU D 37 -38.16 -1.86 12.89
N ASP D 38 -37.24 -0.91 13.11
CA ASP D 38 -37.39 0.42 12.56
C ASP D 38 -36.82 0.59 11.16
N ILE D 39 -37.53 1.33 10.32
CA ILE D 39 -37.10 1.59 8.96
C ILE D 39 -37.25 3.07 8.60
N GLN D 40 -38.44 3.60 8.89
CA GLN D 40 -38.76 4.98 8.55
C GLN D 40 -38.30 6.10 9.49
N ASP D 41 -37.93 5.75 10.72
CA ASP D 41 -37.53 6.76 11.70
C ASP D 41 -36.02 6.88 11.94
N THR D 42 -35.52 6.14 12.93
CA THR D 42 -34.10 6.17 13.28
C THR D 42 -33.19 5.94 12.10
N ARG D 43 -33.47 4.86 11.37
CA ARG D 43 -32.67 4.46 10.21
C ARG D 43 -32.58 5.56 9.15
N LEU D 44 -33.73 6.11 8.76
CA LEU D 44 -33.77 7.15 7.75
C LEU D 44 -33.07 8.43 8.19
N LYS D 45 -33.20 8.77 9.47
CA LYS D 45 -32.56 9.96 10.00
C LYS D 45 -31.04 9.83 9.94
N LEU D 46 -30.54 8.63 10.21
CA LEU D 46 -29.10 8.37 10.17
C LEU D 46 -28.61 8.41 8.73
N MET D 47 -29.42 7.89 7.81
CA MET D 47 -29.06 7.92 6.39
C MET D 47 -28.92 9.37 5.96
N ASP D 48 -29.85 10.21 6.42
CA ASP D 48 -29.82 11.63 6.09
C ASP D 48 -28.62 12.37 6.69
N ALA D 49 -28.18 11.93 7.86
CA ALA D 49 -27.07 12.57 8.54
C ALA D 49 -25.71 12.04 8.10
N HIS D 50 -25.69 10.86 7.51
CA HIS D 50 -24.43 10.25 7.10
C HIS D 50 -24.26 9.95 5.62
N GLY D 51 -24.83 10.84 4.80
CA GLY D 51 -24.71 10.73 3.35
C GLY D 51 -25.10 9.46 2.64
N ILE D 52 -26.14 8.78 3.12
CA ILE D 52 -26.60 7.57 2.46
C ILE D 52 -27.92 7.88 1.76
N GLU D 53 -27.91 7.89 0.44
CA GLU D 53 -29.10 8.16 -0.34
C GLU D 53 -29.94 6.92 -0.53
N THR D 54 -29.27 5.81 -0.83
CA THR D 54 -29.94 4.54 -1.10
C THR D 54 -29.56 3.43 -0.15
N MET D 55 -30.56 2.80 0.46
CA MET D 55 -30.31 1.68 1.35
C MET D 55 -31.05 0.47 0.81
N ILE D 56 -30.31 -0.57 0.43
CA ILE D 56 -30.93 -1.78 -0.07
C ILE D 56 -31.09 -2.67 1.15
N LEU D 57 -32.35 -2.88 1.54
CA LEU D 57 -32.70 -3.66 2.73
C LEU D 57 -32.78 -5.18 2.57
N SER D 58 -32.50 -5.89 3.67
CA SER D 58 -32.55 -7.34 3.69
C SER D 58 -32.92 -7.85 5.08
N LEU D 59 -33.59 -9.00 5.11
CA LEU D 59 -34.01 -9.63 6.36
C LEU D 59 -32.77 -10.07 7.13
N ASN D 60 -32.88 -10.15 8.46
CA ASN D 60 -31.77 -10.55 9.32
C ASN D 60 -31.39 -12.03 9.14
N ALA D 61 -30.45 -12.51 9.95
CA ALA D 61 -29.96 -13.89 9.84
C ALA D 61 -30.04 -14.69 11.13
N PRO D 62 -30.15 -16.04 11.02
CA PRO D 62 -30.21 -16.81 9.77
C PRO D 62 -31.59 -16.78 9.12
N ALA D 63 -32.58 -16.35 9.88
CA ALA D 63 -33.95 -16.24 9.38
C ALA D 63 -34.43 -17.48 8.63
N VAL D 64 -34.86 -17.29 7.39
CA VAL D 64 -35.39 -18.37 6.56
C VAL D 64 -34.50 -19.59 6.42
N GLN D 65 -33.19 -19.37 6.30
CA GLN D 65 -32.26 -20.48 6.13
C GLN D 65 -32.20 -21.44 7.32
N ALA D 66 -32.76 -21.04 8.45
CA ALA D 66 -32.77 -21.86 9.65
C ALA D 66 -34.13 -22.49 9.94
N ILE D 67 -35.04 -22.44 8.97
CA ILE D 67 -36.38 -23.02 9.12
C ILE D 67 -36.44 -24.31 8.31
N PRO D 68 -36.28 -25.46 8.97
CA PRO D 68 -36.30 -26.79 8.34
C PRO D 68 -37.56 -27.17 7.57
N ASP D 69 -38.73 -26.75 8.06
CA ASP D 69 -39.98 -27.07 7.38
C ASP D 69 -40.14 -26.17 6.16
N ARG D 70 -40.02 -26.74 4.96
CA ARG D 70 -40.15 -25.95 3.75
C ARG D 70 -41.47 -25.18 3.70
N ARG D 71 -42.51 -25.78 4.26
CA ARG D 71 -43.82 -25.14 4.29
C ARG D 71 -43.74 -23.81 5.03
N LYS D 72 -43.22 -23.85 6.26
CA LYS D 72 -43.11 -22.64 7.05
C LYS D 72 -42.08 -21.67 6.46
N ALA D 73 -41.01 -22.22 5.90
CA ALA D 73 -39.97 -21.40 5.30
C ALA D 73 -40.52 -20.54 4.18
N ILE D 74 -41.36 -21.13 3.34
CA ILE D 74 -41.97 -20.43 2.22
C ILE D 74 -42.88 -19.32 2.73
N GLU D 75 -43.64 -19.63 3.78
CA GLU D 75 -44.56 -18.68 4.39
C GLU D 75 -43.85 -17.47 4.98
N ILE D 76 -42.81 -17.74 5.78
CA ILE D 76 -42.05 -16.67 6.42
C ILE D 76 -41.35 -15.79 5.38
N ALA D 77 -40.81 -16.41 4.34
CA ALA D 77 -40.13 -15.67 3.29
C ALA D 77 -41.12 -14.71 2.63
N ARG D 78 -42.27 -15.24 2.24
CA ARG D 78 -43.30 -14.44 1.59
C ARG D 78 -43.73 -13.29 2.49
N ARG D 79 -43.86 -13.57 3.78
CA ARG D 79 -44.27 -12.57 4.75
C ARG D 79 -43.22 -11.47 4.89
N ALA D 80 -41.97 -11.87 5.06
CA ALA D 80 -40.88 -10.91 5.19
C ALA D 80 -40.76 -10.03 3.96
N ASN D 81 -40.96 -10.63 2.78
CA ASN D 81 -40.85 -9.88 1.53
C ASN D 81 -42.01 -8.89 1.34
N ASP D 82 -43.21 -9.26 1.75
CA ASP D 82 -44.35 -8.37 1.60
C ASP D 82 -44.19 -7.16 2.52
N VAL D 83 -43.70 -7.41 3.73
CA VAL D 83 -43.49 -6.34 4.70
C VAL D 83 -42.44 -5.39 4.14
N LEU D 84 -41.36 -5.97 3.61
CA LEU D 84 -40.28 -5.19 3.04
C LEU D 84 -40.80 -4.33 1.90
N ALA D 85 -41.62 -4.90 1.03
CA ALA D 85 -42.19 -4.16 -0.09
C ALA D 85 -43.02 -2.99 0.42
N GLU D 86 -43.79 -3.21 1.47
CA GLU D 86 -44.61 -2.16 2.05
C GLU D 86 -43.76 -1.03 2.62
N GLU D 87 -42.66 -1.39 3.26
CA GLU D 87 -41.78 -0.39 3.85
C GLU D 87 -41.08 0.46 2.80
N CYS D 88 -40.62 -0.18 1.72
CA CYS D 88 -39.94 0.54 0.65
C CYS D 88 -40.86 1.52 -0.04
N ALA D 89 -42.13 1.15 -0.18
CA ALA D 89 -43.11 2.00 -0.84
C ALA D 89 -43.31 3.33 -0.13
N LYS D 90 -42.95 3.39 1.15
CA LYS D 90 -43.09 4.62 1.92
C LYS D 90 -42.09 5.69 1.50
N ARG D 91 -40.89 5.26 1.11
CA ARG D 91 -39.84 6.18 0.64
C ARG D 91 -39.09 5.43 -0.45
N PRO D 92 -39.75 5.20 -1.61
CA PRO D 92 -39.15 4.49 -2.74
C PRO D 92 -37.90 5.18 -3.30
N ASP D 93 -37.71 6.44 -2.93
CA ASP D 93 -36.55 7.19 -3.40
C ASP D 93 -35.33 6.88 -2.53
N ARG D 94 -35.54 6.18 -1.43
CA ARG D 94 -34.47 5.86 -0.50
C ARG D 94 -34.26 4.37 -0.24
N PHE D 95 -35.33 3.59 -0.33
CA PHE D 95 -35.24 2.16 -0.04
C PHE D 95 -35.50 1.18 -1.19
N LEU D 96 -34.58 0.23 -1.34
CA LEU D 96 -34.69 -0.82 -2.35
C LEU D 96 -34.64 -2.10 -1.51
N ALA D 97 -34.92 -3.24 -2.14
CA ALA D 97 -34.93 -4.47 -1.36
C ALA D 97 -34.33 -5.73 -1.98
N PHE D 98 -33.79 -6.57 -1.11
CA PHE D 98 -33.24 -7.86 -1.50
C PHE D 98 -34.27 -8.86 -1.03
N ALA D 99 -34.54 -9.87 -1.84
CA ALA D 99 -35.52 -10.87 -1.49
C ALA D 99 -34.99 -11.94 -0.54
N ALA D 100 -35.86 -12.42 0.34
CA ALA D 100 -35.52 -13.49 1.28
C ALA D 100 -36.05 -14.73 0.54
N LEU D 101 -35.27 -15.80 0.49
CA LEU D 101 -35.70 -16.99 -0.24
C LEU D 101 -35.72 -18.30 0.55
N PRO D 102 -36.74 -19.13 0.31
CA PRO D 102 -36.89 -20.43 0.99
C PRO D 102 -36.15 -21.49 0.18
N LEU D 103 -34.82 -21.39 0.16
CA LEU D 103 -34.01 -22.33 -0.62
C LEU D 103 -34.05 -23.79 -0.19
N GLN D 104 -34.71 -24.11 0.91
CA GLN D 104 -34.80 -25.52 1.30
C GLN D 104 -35.77 -26.21 0.34
N ASP D 105 -36.34 -25.40 -0.56
CA ASP D 105 -37.27 -25.89 -1.58
C ASP D 105 -36.92 -25.11 -2.86
N PRO D 106 -35.98 -25.65 -3.66
CA PRO D 106 -35.51 -25.04 -4.91
C PRO D 106 -36.57 -24.35 -5.77
N ASP D 107 -37.62 -25.09 -6.13
CA ASP D 107 -38.67 -24.53 -6.97
C ASP D 107 -39.39 -23.37 -6.30
N ALA D 108 -39.70 -23.51 -5.02
CA ALA D 108 -40.40 -22.46 -4.28
C ALA D 108 -39.53 -21.21 -4.22
N ALA D 109 -38.22 -21.40 -4.07
CA ALA D 109 -37.28 -20.29 -4.00
C ALA D 109 -37.24 -19.55 -5.32
N THR D 110 -37.19 -20.31 -6.42
CA THR D 110 -37.16 -19.73 -7.76
C THR D 110 -38.42 -18.91 -8.01
N GLU D 111 -39.56 -19.43 -7.58
CA GLU D 111 -40.84 -18.76 -7.75
C GLU D 111 -40.91 -17.46 -6.96
N GLU D 112 -40.45 -17.49 -5.72
CA GLU D 112 -40.49 -16.29 -4.88
C GLU D 112 -39.55 -15.21 -5.38
N LEU D 113 -38.41 -15.61 -5.94
CA LEU D 113 -37.46 -14.63 -6.47
C LEU D 113 -38.10 -13.91 -7.65
N GLN D 114 -38.80 -14.68 -8.49
CA GLN D 114 -39.47 -14.12 -9.66
C GLN D 114 -40.55 -13.15 -9.22
N ARG D 115 -41.30 -13.53 -8.19
CA ARG D 115 -42.36 -12.67 -7.67
C ARG D 115 -41.79 -11.37 -7.13
N CYS D 116 -40.73 -11.49 -6.33
CA CYS D 116 -40.11 -10.31 -5.74
C CYS D 116 -39.55 -9.37 -6.81
N VAL D 117 -38.86 -9.93 -7.79
CA VAL D 117 -38.27 -9.10 -8.85
C VAL D 117 -39.30 -8.56 -9.84
N ASN D 118 -40.12 -9.45 -10.40
CA ASN D 118 -41.10 -9.05 -11.39
C ASN D 118 -42.30 -8.26 -10.87
N ASP D 119 -42.80 -8.63 -9.70
CA ASP D 119 -43.97 -7.94 -9.15
C ASP D 119 -43.68 -6.91 -8.06
N LEU D 120 -42.67 -7.15 -7.23
CA LEU D 120 -42.36 -6.21 -6.14
C LEU D 120 -41.21 -5.26 -6.45
N GLY D 121 -40.54 -5.48 -7.57
CA GLY D 121 -39.43 -4.60 -7.94
C GLY D 121 -38.15 -4.76 -7.15
N PHE D 122 -38.00 -5.89 -6.46
CA PHE D 122 -36.78 -6.14 -5.69
C PHE D 122 -35.60 -6.19 -6.65
N VAL D 123 -34.43 -5.78 -6.18
CA VAL D 123 -33.23 -5.73 -7.03
C VAL D 123 -32.21 -6.84 -6.82
N GLY D 124 -32.59 -7.89 -6.10
CA GLY D 124 -31.67 -8.99 -5.88
C GLY D 124 -32.15 -9.89 -4.76
N ALA D 125 -31.26 -10.76 -4.30
CA ALA D 125 -31.59 -11.67 -3.21
C ALA D 125 -30.43 -11.71 -2.22
N LEU D 126 -30.77 -11.95 -0.97
CA LEU D 126 -29.76 -12.07 0.07
C LEU D 126 -30.11 -13.33 0.84
N VAL D 127 -29.15 -14.24 0.92
CA VAL D 127 -29.32 -15.51 1.59
C VAL D 127 -28.24 -15.74 2.63
N ASN D 128 -28.64 -16.21 3.81
CA ASN D 128 -27.70 -16.45 4.89
C ASN D 128 -27.06 -17.82 4.87
N GLY D 129 -26.18 -18.04 3.91
CA GLY D 129 -25.48 -19.30 3.80
C GLY D 129 -26.35 -20.50 3.49
N PHE D 130 -25.87 -21.68 3.87
CA PHE D 130 -26.58 -22.93 3.60
C PHE D 130 -27.97 -22.98 4.22
N SER D 131 -28.81 -23.85 3.65
CA SER D 131 -30.17 -24.03 4.11
C SER D 131 -30.30 -25.28 4.97
N GLN D 132 -31.34 -25.30 5.81
CA GLN D 132 -31.65 -26.45 6.65
C GLN D 132 -33.02 -26.93 6.18
N GLU D 133 -33.20 -28.24 6.13
CA GLU D 133 -34.47 -28.81 5.68
C GLU D 133 -34.74 -30.16 6.32
N GLY D 134 -36.01 -30.44 6.59
CA GLY D 134 -36.38 -31.71 7.20
C GLY D 134 -35.92 -31.78 8.64
N ASP D 135 -35.04 -32.72 8.95
CA ASP D 135 -34.53 -32.85 10.30
C ASP D 135 -33.57 -31.69 10.56
N GLY D 136 -33.20 -31.02 9.47
CA GLY D 136 -32.32 -29.87 9.56
C GLY D 136 -30.90 -30.10 10.07
N GLN D 137 -30.44 -31.36 10.02
CA GLN D 137 -29.10 -31.66 10.51
C GLN D 137 -28.07 -31.74 9.39
N THR D 138 -28.46 -31.32 8.20
CA THR D 138 -27.57 -31.35 7.04
C THR D 138 -27.47 -29.99 6.35
N PRO D 139 -26.27 -29.40 6.33
CA PRO D 139 -26.11 -28.10 5.67
C PRO D 139 -26.23 -28.26 4.15
N LEU D 140 -27.16 -27.53 3.54
CA LEU D 140 -27.36 -27.60 2.10
C LEU D 140 -26.68 -26.44 1.39
N TYR D 141 -25.62 -26.73 0.65
CA TYR D 141 -24.90 -25.71 -0.08
C TYR D 141 -25.47 -25.55 -1.49
N TYR D 142 -25.36 -24.34 -2.02
CA TYR D 142 -25.93 -24.02 -3.32
C TYR D 142 -25.16 -24.42 -4.57
N ASP D 143 -24.07 -25.18 -4.40
CA ASP D 143 -23.30 -25.64 -5.53
C ASP D 143 -23.85 -27.00 -5.97
N LEU D 144 -24.77 -27.54 -5.18
CA LEU D 144 -25.38 -28.84 -5.47
C LEU D 144 -26.25 -28.79 -6.73
N PRO D 145 -26.39 -29.94 -7.41
CA PRO D 145 -27.18 -30.07 -8.64
C PRO D 145 -28.62 -29.53 -8.59
N GLN D 146 -29.34 -29.78 -7.50
CA GLN D 146 -30.72 -29.32 -7.38
C GLN D 146 -30.90 -27.81 -7.44
N TYR D 147 -29.80 -27.07 -7.32
CA TYR D 147 -29.89 -25.61 -7.35
C TYR D 147 -29.53 -24.98 -8.69
N ARG D 148 -29.07 -25.79 -9.64
CA ARG D 148 -28.69 -25.24 -10.93
C ARG D 148 -29.85 -24.53 -11.64
N PRO D 149 -31.06 -25.10 -11.59
CA PRO D 149 -32.18 -24.42 -12.26
C PRO D 149 -32.40 -23.04 -11.64
N PHE D 150 -32.25 -22.98 -10.33
CA PHE D 150 -32.42 -21.72 -9.60
C PHE D 150 -31.41 -20.67 -10.06
N TRP D 151 -30.15 -21.08 -10.16
CA TRP D 151 -29.10 -20.16 -10.60
C TRP D 151 -29.36 -19.71 -12.04
N GLY D 152 -29.95 -20.60 -12.83
CA GLY D 152 -30.26 -20.25 -14.21
C GLY D 152 -31.26 -19.12 -14.23
N GLU D 153 -32.21 -19.15 -13.29
CA GLU D 153 -33.24 -18.12 -13.22
C GLU D 153 -32.65 -16.81 -12.68
N VAL D 154 -31.74 -16.93 -11.72
CA VAL D 154 -31.11 -15.73 -11.15
C VAL D 154 -30.41 -14.99 -12.28
N GLU D 155 -29.70 -15.73 -13.13
CA GLU D 155 -28.99 -15.13 -14.25
C GLU D 155 -29.98 -14.55 -15.26
N LYS D 156 -31.13 -15.21 -15.41
CA LYS D 156 -32.15 -14.74 -16.34
C LYS D 156 -32.73 -13.41 -15.89
N LEU D 157 -33.08 -13.33 -14.61
CA LEU D 157 -33.62 -12.11 -14.03
C LEU D 157 -32.52 -11.04 -14.02
N ASP D 158 -31.28 -11.51 -14.03
CA ASP D 158 -30.11 -10.64 -14.02
C ASP D 158 -30.08 -9.70 -12.82
N VAL D 159 -30.13 -10.29 -11.63
CA VAL D 159 -30.07 -9.55 -10.38
C VAL D 159 -29.02 -10.25 -9.52
N PRO D 160 -28.28 -9.48 -8.71
CA PRO D 160 -27.23 -10.03 -7.83
C PRO D 160 -27.74 -10.91 -6.69
N PHE D 161 -26.86 -11.80 -6.24
CA PHE D 161 -27.16 -12.71 -5.14
C PHE D 161 -26.14 -12.40 -4.04
N TYR D 162 -26.63 -11.90 -2.91
CA TYR D 162 -25.76 -11.56 -1.78
C TYR D 162 -25.62 -12.79 -0.86
N LEU D 163 -24.44 -13.38 -0.82
CA LEU D 163 -24.20 -14.54 0.03
C LEU D 163 -23.74 -14.07 1.40
N HIS D 164 -24.70 -13.98 2.32
CA HIS D 164 -24.49 -13.51 3.69
C HIS D 164 -24.08 -14.65 4.63
N PRO D 165 -23.42 -14.32 5.75
CA PRO D 165 -23.00 -15.34 6.72
C PRO D 165 -24.12 -15.93 7.57
N ARG D 166 -23.77 -17.03 8.25
CA ARG D 166 -24.62 -17.73 9.21
C ARG D 166 -23.61 -18.61 9.94
N ASN D 167 -23.96 -19.09 11.12
CA ASN D 167 -23.05 -19.97 11.86
C ASN D 167 -23.22 -21.40 11.39
N PRO D 168 -22.16 -22.21 11.49
CA PRO D 168 -22.27 -23.60 11.06
C PRO D 168 -23.10 -24.35 12.10
N LEU D 169 -23.58 -25.53 11.76
CA LEU D 169 -24.37 -26.33 12.69
C LEU D 169 -23.43 -26.82 13.79
N PRO D 170 -23.97 -27.06 15.00
CA PRO D 170 -23.17 -27.52 16.13
C PRO D 170 -22.23 -28.69 15.80
N GLN D 171 -22.74 -29.66 15.04
CA GLN D 171 -21.94 -30.83 14.67
C GLN D 171 -20.79 -30.49 13.73
N ASP D 172 -20.84 -29.30 13.12
CA ASP D 172 -19.80 -28.86 12.20
C ASP D 172 -19.04 -27.68 12.79
N SER D 173 -19.08 -27.56 14.11
CA SER D 173 -18.42 -26.45 14.79
C SER D 173 -17.51 -26.89 15.94
N ARG D 174 -17.09 -28.15 15.94
CA ARG D 174 -16.24 -28.64 17.03
C ARG D 174 -14.97 -27.82 17.25
N ILE D 175 -14.42 -27.27 16.18
CA ILE D 175 -13.20 -26.47 16.32
C ILE D 175 -13.43 -25.26 17.22
N TYR D 176 -14.68 -24.86 17.37
CA TYR D 176 -15.02 -23.71 18.21
C TYR D 176 -15.51 -24.11 19.61
N ASP D 177 -15.57 -25.40 19.89
CA ASP D 177 -16.02 -25.87 21.20
C ASP D 177 -15.24 -25.25 22.34
N GLY D 178 -15.96 -24.64 23.29
CA GLY D 178 -15.32 -24.00 24.43
C GLY D 178 -14.99 -22.55 24.14
N HIS D 179 -15.21 -22.15 22.90
CA HIS D 179 -14.93 -20.78 22.45
C HIS D 179 -16.12 -20.16 21.71
N PRO D 180 -17.25 -19.95 22.40
CA PRO D 180 -18.42 -19.37 21.76
C PRO D 180 -18.14 -17.97 21.19
N TRP D 181 -17.12 -17.32 21.74
CA TRP D 181 -16.74 -15.98 21.29
C TRP D 181 -16.09 -15.99 19.90
N LEU D 182 -15.83 -17.17 19.37
CA LEU D 182 -15.24 -17.24 18.03
C LEU D 182 -16.33 -17.47 16.98
N LEU D 183 -17.55 -17.72 17.44
CA LEU D 183 -18.68 -17.91 16.55
C LEU D 183 -19.16 -16.53 16.10
N GLY D 184 -20.02 -16.49 15.10
CA GLY D 184 -20.54 -15.20 14.65
C GLY D 184 -19.57 -14.34 13.86
N PRO D 185 -19.74 -13.01 13.93
CA PRO D 185 -18.89 -12.05 13.22
C PRO D 185 -17.41 -12.05 13.60
N THR D 186 -17.07 -12.62 14.75
CA THR D 186 -15.67 -12.65 15.16
C THR D 186 -14.84 -13.47 14.18
N TRP D 187 -15.37 -14.62 13.74
CA TRP D 187 -14.63 -15.47 12.81
C TRP D 187 -15.48 -16.50 12.07
N ALA D 188 -16.25 -17.30 12.82
CA ALA D 188 -17.07 -18.35 12.22
C ALA D 188 -17.83 -17.89 10.99
N PHE D 189 -18.42 -16.70 11.05
CA PHE D 189 -19.16 -16.15 9.92
C PHE D 189 -18.35 -16.13 8.62
N ALA D 190 -17.12 -15.63 8.72
CA ALA D 190 -16.25 -15.50 7.55
C ALA D 190 -15.85 -16.84 6.95
N GLN D 191 -15.43 -17.78 7.79
CA GLN D 191 -15.02 -19.09 7.31
C GLN D 191 -16.17 -19.77 6.56
N GLU D 192 -17.34 -19.80 7.20
CA GLU D 192 -18.52 -20.41 6.62
C GLU D 192 -18.86 -19.84 5.25
N THR D 193 -18.81 -18.52 5.13
CA THR D 193 -19.16 -17.86 3.87
C THR D 193 -18.08 -17.95 2.81
N ALA D 194 -16.82 -17.82 3.21
CA ALA D 194 -15.72 -17.91 2.26
C ALA D 194 -15.70 -19.28 1.59
N VAL D 195 -15.85 -20.34 2.38
CA VAL D 195 -15.84 -21.69 1.81
C VAL D 195 -17.05 -21.91 0.91
N HIS D 196 -18.22 -21.44 1.34
CA HIS D 196 -19.41 -21.61 0.52
C HIS D 196 -19.14 -20.95 -0.83
N ALA D 197 -18.53 -19.77 -0.80
CA ALA D 197 -18.23 -19.06 -2.03
C ALA D 197 -17.27 -19.88 -2.89
N LEU D 198 -16.25 -20.45 -2.26
CA LEU D 198 -15.28 -21.26 -3.00
C LEU D 198 -15.95 -22.49 -3.60
N ARG D 199 -16.91 -23.07 -2.88
CA ARG D 199 -17.62 -24.24 -3.40
C ARG D 199 -18.34 -23.86 -4.68
N LEU D 200 -18.99 -22.70 -4.70
CA LEU D 200 -19.70 -22.26 -5.90
C LEU D 200 -18.73 -22.13 -7.07
N MET D 201 -17.57 -21.55 -6.81
CA MET D 201 -16.56 -21.36 -7.84
C MET D 201 -16.03 -22.70 -8.36
N ALA D 202 -15.61 -23.58 -7.45
CA ALA D 202 -15.06 -24.87 -7.81
C ALA D 202 -16.04 -25.76 -8.56
N SER D 203 -17.33 -25.62 -8.26
CA SER D 203 -18.36 -26.43 -8.90
C SER D 203 -18.51 -26.19 -10.39
N GLY D 204 -18.06 -25.03 -10.86
CA GLY D 204 -18.19 -24.70 -12.28
C GLY D 204 -19.45 -23.92 -12.56
N LEU D 205 -20.13 -23.50 -11.50
CA LEU D 205 -21.36 -22.73 -11.63
C LEU D 205 -21.21 -21.50 -12.54
N PHE D 206 -20.06 -20.84 -12.44
CA PHE D 206 -19.82 -19.65 -13.24
C PHE D 206 -19.38 -19.91 -14.67
N ASP D 207 -19.13 -21.18 -14.99
CA ASP D 207 -18.78 -21.56 -16.35
C ASP D 207 -20.12 -21.68 -17.06
N GLU D 208 -21.07 -22.28 -16.34
CA GLU D 208 -22.43 -22.50 -16.85
C GLU D 208 -23.24 -21.21 -16.91
N HIS D 209 -23.07 -20.36 -15.90
CA HIS D 209 -23.78 -19.09 -15.83
C HIS D 209 -22.78 -17.98 -15.50
N PRO D 210 -21.98 -17.58 -16.49
CA PRO D 210 -20.94 -16.54 -16.37
C PRO D 210 -21.44 -15.11 -16.09
N ARG D 211 -22.72 -14.86 -16.28
CA ARG D 211 -23.25 -13.51 -16.04
C ARG D 211 -23.71 -13.31 -14.60
N LEU D 212 -23.58 -14.35 -13.79
CA LEU D 212 -23.99 -14.25 -12.39
C LEU D 212 -23.15 -13.22 -11.62
N ASN D 213 -23.80 -12.51 -10.71
CA ASN D 213 -23.14 -11.52 -9.87
C ASN D 213 -23.36 -11.90 -8.42
N ILE D 214 -22.29 -12.31 -7.75
CA ILE D 214 -22.35 -12.69 -6.35
C ILE D 214 -21.72 -11.59 -5.51
N ILE D 215 -22.34 -11.27 -4.38
CA ILE D 215 -21.81 -10.24 -3.49
C ILE D 215 -21.49 -10.82 -2.12
N LEU D 216 -20.34 -10.45 -1.59
CA LEU D 216 -19.90 -10.91 -0.27
C LEU D 216 -19.65 -9.68 0.60
N GLY D 217 -20.04 -9.76 1.86
CA GLY D 217 -19.81 -8.62 2.74
C GLY D 217 -18.51 -8.82 3.50
N HIS D 218 -18.26 -7.94 4.46
CA HIS D 218 -17.10 -8.03 5.31
C HIS D 218 -15.79 -8.15 4.54
N MET D 219 -15.72 -7.37 3.47
CA MET D 219 -14.57 -7.31 2.58
C MET D 219 -14.14 -8.64 1.99
N GLY D 220 -15.12 -9.47 1.63
CA GLY D 220 -14.80 -10.74 1.02
C GLY D 220 -14.54 -11.90 1.95
N GLU D 221 -14.90 -11.76 3.22
CA GLU D 221 -14.75 -12.81 4.21
C GLU D 221 -13.33 -13.40 4.27
N GLY D 222 -12.34 -12.54 4.01
CA GLY D 222 -10.95 -12.95 4.05
C GLY D 222 -10.33 -13.43 2.74
N LEU D 223 -11.16 -13.65 1.72
CA LEU D 223 -10.68 -14.16 0.45
C LEU D 223 -9.56 -13.40 -0.29
N PRO D 224 -9.65 -12.07 -0.40
CA PRO D 224 -8.59 -11.34 -1.10
C PRO D 224 -7.14 -11.58 -0.67
N TYR D 225 -6.92 -11.63 0.64
CA TYR D 225 -5.58 -11.80 1.22
C TYR D 225 -4.96 -13.15 0.86
N MET D 226 -5.79 -14.18 0.78
CA MET D 226 -5.31 -15.53 0.48
C MET D 226 -5.58 -16.00 -0.95
N MET D 227 -6.23 -15.18 -1.77
CA MET D 227 -6.56 -15.59 -3.13
C MET D 227 -5.37 -16.14 -3.93
N TRP D 228 -4.22 -15.46 -3.87
CA TRP D 228 -3.07 -15.96 -4.61
C TRP D 228 -2.74 -17.39 -4.20
N ARG D 229 -2.68 -17.64 -2.89
CA ARG D 229 -2.35 -18.96 -2.39
C ARG D 229 -3.39 -20.01 -2.78
N ILE D 230 -4.65 -19.63 -2.79
CA ILE D 230 -5.74 -20.54 -3.14
C ILE D 230 -5.48 -21.26 -4.46
N ASP D 231 -4.97 -20.52 -5.45
CA ASP D 231 -4.68 -21.10 -6.77
C ASP D 231 -3.23 -21.54 -6.92
N HIS D 232 -2.31 -20.70 -6.46
CA HIS D 232 -0.88 -20.91 -6.63
C HIS D 232 -0.09 -21.75 -5.64
N ARG D 233 -0.74 -22.25 -4.59
CA ARG D 233 -0.01 -23.09 -3.63
C ARG D 233 0.60 -24.26 -4.42
N ASN D 234 1.77 -24.71 -4.01
CA ASN D 234 2.47 -25.82 -4.66
C ASN D 234 2.54 -25.63 -6.17
N ALA D 235 2.91 -24.43 -6.61
CA ALA D 235 2.97 -24.11 -8.04
C ALA D 235 3.87 -25.01 -8.89
N TRP D 236 4.93 -25.58 -8.32
CA TRP D 236 5.82 -26.42 -9.11
C TRP D 236 5.11 -27.65 -9.68
N VAL D 237 4.01 -28.05 -9.05
CA VAL D 237 3.24 -29.19 -9.54
C VAL D 237 2.39 -28.68 -10.70
N LYS D 238 2.84 -28.96 -11.92
CA LYS D 238 2.14 -28.50 -13.12
C LYS D 238 1.11 -29.51 -13.63
N LEU D 239 0.09 -29.76 -12.81
CA LEU D 239 -0.99 -30.66 -13.17
C LEU D 239 -2.28 -29.84 -13.09
N PRO D 240 -3.21 -30.03 -14.04
CA PRO D 240 -4.45 -29.26 -13.99
C PRO D 240 -5.25 -29.51 -12.71
N PRO D 241 -5.91 -28.46 -12.18
CA PRO D 241 -6.71 -28.59 -10.97
C PRO D 241 -7.75 -29.70 -11.10
N ARG D 242 -8.04 -30.37 -9.98
CA ARG D 242 -8.99 -31.48 -9.96
C ARG D 242 -10.47 -31.10 -10.01
N TYR D 243 -10.81 -29.93 -9.50
CA TYR D 243 -12.21 -29.50 -9.50
C TYR D 243 -12.81 -29.37 -10.90
N PRO D 244 -14.15 -29.48 -11.02
CA PRO D 244 -14.87 -29.38 -12.29
C PRO D 244 -14.78 -28.03 -13.01
N ALA D 245 -14.63 -26.95 -12.26
CA ALA D 245 -14.55 -25.63 -12.88
C ALA D 245 -13.41 -25.63 -13.92
N LYS D 246 -13.62 -24.92 -15.01
CA LYS D 246 -12.63 -24.88 -16.08
C LYS D 246 -11.44 -23.97 -15.85
N ARG D 247 -11.60 -22.93 -15.03
CA ARG D 247 -10.50 -22.00 -14.77
C ARG D 247 -10.03 -21.93 -13.32
N ARG D 248 -9.42 -20.80 -12.97
CA ARG D 248 -8.88 -20.60 -11.63
C ARG D 248 -9.84 -19.85 -10.70
N PHE D 249 -9.66 -20.04 -9.40
CA PHE D 249 -10.50 -19.37 -8.42
C PHE D 249 -10.42 -17.86 -8.60
N MET D 250 -9.23 -17.34 -8.82
CA MET D 250 -9.06 -15.91 -9.00
C MET D 250 -9.86 -15.39 -10.19
N ASP D 251 -10.05 -16.22 -11.21
CA ASP D 251 -10.80 -15.81 -12.38
C ASP D 251 -12.27 -15.56 -12.04
N TYR D 252 -12.88 -16.47 -11.30
CA TYR D 252 -14.28 -16.31 -10.93
C TYR D 252 -14.46 -15.22 -9.89
N PHE D 253 -13.50 -15.09 -8.98
CA PHE D 253 -13.59 -14.07 -7.95
C PHE D 253 -13.50 -12.70 -8.62
N ASN D 254 -12.60 -12.55 -9.58
CA ASN D 254 -12.42 -11.28 -10.26
C ASN D 254 -13.52 -10.94 -11.25
N GLU D 255 -14.18 -11.95 -11.80
CA GLU D 255 -15.23 -11.73 -12.80
C GLU D 255 -16.66 -11.84 -12.35
N ASN D 256 -16.93 -12.61 -11.30
CA ASN D 256 -18.29 -12.79 -10.84
C ASN D 256 -18.60 -12.30 -9.43
N PHE D 257 -17.60 -11.77 -8.74
CA PHE D 257 -17.84 -11.29 -7.39
C PHE D 257 -17.60 -9.81 -7.16
N HIS D 258 -18.24 -9.32 -6.10
CA HIS D 258 -18.13 -7.94 -5.65
C HIS D 258 -18.09 -8.09 -4.13
N ILE D 259 -17.34 -7.24 -3.44
CA ILE D 259 -17.30 -7.32 -1.99
C ILE D 259 -17.71 -5.98 -1.40
N THR D 260 -18.22 -6.01 -0.17
CA THR D 260 -18.64 -4.77 0.47
C THR D 260 -17.84 -4.52 1.74
N THR D 261 -17.90 -3.29 2.24
CA THR D 261 -17.17 -2.91 3.44
C THR D 261 -17.92 -3.18 4.74
N SER D 262 -19.03 -3.91 4.67
CA SER D 262 -19.82 -4.18 5.86
C SER D 262 -19.01 -4.74 7.03
N GLY D 263 -19.19 -4.13 8.20
CA GLY D 263 -18.49 -4.57 9.41
C GLY D 263 -16.99 -4.78 9.30
N ASN D 264 -16.33 -4.10 8.37
CA ASN D 264 -14.88 -4.24 8.23
C ASN D 264 -14.31 -2.89 7.80
N PHE D 265 -14.37 -1.95 8.75
CA PHE D 265 -13.93 -0.57 8.56
C PHE D 265 -12.44 -0.46 8.84
N ARG D 266 -11.64 -1.09 7.97
CA ARG D 266 -10.19 -1.12 8.11
C ARG D 266 -9.51 -0.70 6.82
N THR D 267 -8.78 0.41 6.86
CA THR D 267 -8.11 0.93 5.67
C THR D 267 -7.09 -0.04 5.07
N GLN D 268 -6.31 -0.69 5.91
CA GLN D 268 -5.32 -1.64 5.39
C GLN D 268 -5.99 -2.72 4.57
N THR D 269 -7.11 -3.23 5.08
CA THR D 269 -7.89 -4.26 4.42
C THR D 269 -8.44 -3.75 3.09
N LEU D 270 -8.88 -2.50 3.07
CA LEU D 270 -9.40 -1.91 1.85
C LEU D 270 -8.31 -1.76 0.80
N ILE D 271 -7.11 -1.35 1.22
CA ILE D 271 -5.99 -1.18 0.30
C ILE D 271 -5.63 -2.53 -0.32
N ASP D 272 -5.56 -3.58 0.49
CA ASP D 272 -5.23 -4.90 -0.02
C ASP D 272 -6.28 -5.31 -1.06
N ALA D 273 -7.56 -5.09 -0.73
CA ALA D 273 -8.63 -5.44 -1.64
C ALA D 273 -8.53 -4.65 -2.95
N ILE D 274 -8.18 -3.37 -2.85
CA ILE D 274 -8.05 -2.54 -4.04
C ILE D 274 -6.93 -3.06 -4.96
N LEU D 275 -5.88 -3.62 -4.36
CA LEU D 275 -4.76 -4.16 -5.13
C LEU D 275 -4.97 -5.61 -5.56
N GLU D 276 -6.09 -6.20 -5.15
CA GLU D 276 -6.40 -7.59 -5.51
C GLU D 276 -7.62 -7.70 -6.44
N ILE D 277 -8.77 -7.19 -6.00
CA ILE D 277 -9.96 -7.29 -6.84
C ILE D 277 -10.24 -5.99 -7.60
N GLY D 278 -9.69 -4.88 -7.11
CA GLY D 278 -9.88 -3.60 -7.77
C GLY D 278 -11.02 -2.77 -7.20
N ALA D 279 -10.85 -1.45 -7.19
CA ALA D 279 -11.87 -0.56 -6.65
C ALA D 279 -13.21 -0.67 -7.36
N ASP D 280 -13.23 -1.10 -8.61
CA ASP D 280 -14.49 -1.22 -9.35
C ASP D 280 -15.39 -2.32 -8.80
N ARG D 281 -14.84 -3.19 -7.97
CA ARG D 281 -15.64 -4.28 -7.42
C ARG D 281 -15.79 -4.28 -5.90
N ILE D 282 -15.59 -3.11 -5.30
CA ILE D 282 -15.73 -2.95 -3.85
C ILE D 282 -16.88 -1.97 -3.65
N LEU D 283 -17.78 -2.30 -2.73
CA LEU D 283 -18.95 -1.46 -2.47
C LEU D 283 -19.09 -1.08 -1.01
N PHE D 284 -19.54 0.15 -0.76
CA PHE D 284 -19.74 0.60 0.60
C PHE D 284 -20.98 -0.10 1.15
N SER D 285 -20.95 -0.42 2.43
CA SER D 285 -22.06 -1.05 3.15
C SER D 285 -21.73 -0.96 4.62
N THR D 286 -22.72 -1.07 5.49
CA THR D 286 -22.46 -0.91 6.93
C THR D 286 -22.72 -2.09 7.85
N ASP D 287 -23.76 -2.86 7.55
CA ASP D 287 -24.17 -4.01 8.36
C ASP D 287 -25.05 -3.50 9.50
N TRP D 288 -25.66 -2.34 9.30
CA TRP D 288 -26.58 -1.78 10.30
C TRP D 288 -27.70 -2.82 10.39
N PRO D 289 -28.30 -2.99 11.57
CA PRO D 289 -28.09 -2.33 12.86
C PRO D 289 -27.01 -2.98 13.75
N PHE D 290 -26.31 -3.97 13.21
CA PHE D 290 -25.27 -4.65 13.98
C PHE D 290 -24.01 -3.81 14.08
N GLU D 291 -23.91 -2.80 13.21
CA GLU D 291 -22.81 -1.85 13.21
C GLU D 291 -23.47 -0.48 13.15
N ASN D 292 -22.86 0.52 13.79
CA ASN D 292 -23.41 1.87 13.77
C ASN D 292 -23.15 2.47 12.38
N ILE D 293 -24.14 3.19 11.87
CA ILE D 293 -24.00 3.84 10.57
C ILE D 293 -22.94 4.93 10.61
N ASP D 294 -22.86 5.66 11.72
CA ASP D 294 -21.87 6.72 11.82
C ASP D 294 -20.47 6.13 11.81
N HIS D 295 -20.30 4.94 12.41
CA HIS D 295 -19.00 4.29 12.43
C HIS D 295 -18.55 3.99 11.00
N ALA D 296 -19.44 3.36 10.24
CA ALA D 296 -19.15 2.99 8.86
C ALA D 296 -18.91 4.20 7.97
N SER D 297 -19.79 5.18 8.05
CA SER D 297 -19.66 6.38 7.24
C SER D 297 -18.45 7.24 7.57
N ASP D 298 -18.20 7.47 8.86
CA ASP D 298 -17.06 8.29 9.23
C ASP D 298 -15.75 7.64 8.77
N TRP D 299 -15.69 6.31 8.88
CA TRP D 299 -14.48 5.63 8.44
C TRP D 299 -14.34 5.75 6.92
N PHE D 300 -15.40 5.43 6.20
CA PHE D 300 -15.33 5.49 4.75
C PHE D 300 -15.05 6.89 4.20
N ASN D 301 -15.62 7.91 4.83
CA ASN D 301 -15.39 9.27 4.35
C ASN D 301 -13.93 9.69 4.42
N ALA D 302 -13.17 9.09 5.33
CA ALA D 302 -11.77 9.47 5.49
C ALA D 302 -10.73 8.41 5.13
N THR D 303 -11.16 7.22 4.71
CA THR D 303 -10.18 6.19 4.40
C THR D 303 -9.22 6.67 3.30
N SER D 304 -8.00 6.15 3.33
CA SER D 304 -6.92 6.56 2.43
C SER D 304 -6.90 6.02 1.01
N ILE D 305 -7.85 6.47 0.19
CA ILE D 305 -7.96 6.05 -1.19
C ILE D 305 -8.18 7.28 -2.07
N ALA D 306 -8.14 7.10 -3.38
CA ALA D 306 -8.34 8.22 -4.30
C ALA D 306 -9.78 8.69 -4.21
N GLU D 307 -10.00 9.99 -4.31
CA GLU D 307 -11.37 10.51 -4.24
C GLU D 307 -12.22 9.88 -5.35
N ALA D 308 -11.60 9.61 -6.50
CA ALA D 308 -12.31 9.00 -7.62
C ALA D 308 -12.83 7.63 -7.18
N ASP D 309 -12.02 6.90 -6.43
CA ASP D 309 -12.43 5.58 -5.96
C ASP D 309 -13.42 5.67 -4.80
N ARG D 310 -13.37 6.75 -4.03
CA ARG D 310 -14.31 6.91 -2.93
C ARG D 310 -15.70 7.08 -3.55
N VAL D 311 -15.77 7.79 -4.67
CA VAL D 311 -17.05 7.98 -5.34
C VAL D 311 -17.56 6.66 -5.93
N LYS D 312 -16.67 5.87 -6.51
CA LYS D 312 -17.08 4.59 -7.09
C LYS D 312 -17.52 3.60 -6.02
N ILE D 313 -16.68 3.42 -5.00
CA ILE D 313 -16.99 2.48 -3.94
C ILE D 313 -18.19 2.94 -3.11
N GLY D 314 -18.32 4.23 -2.90
CA GLY D 314 -19.43 4.72 -2.11
C GLY D 314 -20.75 4.84 -2.85
N ARG D 315 -20.70 5.01 -4.16
CA ARG D 315 -21.93 5.20 -4.94
C ARG D 315 -22.07 4.61 -6.34
N THR D 316 -21.20 5.00 -7.25
CA THR D 316 -21.34 4.55 -8.64
C THR D 316 -21.19 3.08 -8.94
N ASN D 317 -20.40 2.34 -8.17
CA ASN D 317 -20.27 0.92 -8.43
C ASN D 317 -21.63 0.26 -8.21
N ALA D 318 -22.27 0.60 -7.10
CA ALA D 318 -23.58 0.03 -6.76
C ALA D 318 -24.66 0.47 -7.74
N ARG D 319 -24.68 1.75 -8.09
CA ARG D 319 -25.69 2.23 -9.00
C ARG D 319 -25.56 1.53 -10.36
N ARG D 320 -24.33 1.19 -10.74
CA ARG D 320 -24.11 0.51 -12.00
C ARG D 320 -24.59 -0.94 -11.87
N LEU D 321 -24.14 -1.61 -10.82
CA LEU D 321 -24.49 -3.00 -10.57
C LEU D 321 -25.99 -3.24 -10.50
N PHE D 322 -26.71 -2.31 -9.87
CA PHE D 322 -28.16 -2.48 -9.73
C PHE D 322 -28.98 -1.71 -10.77
N LYS D 323 -28.31 -1.27 -11.83
CA LYS D 323 -28.94 -0.54 -12.93
C LYS D 323 -29.81 0.63 -12.48
N LEU D 324 -29.32 1.40 -11.52
CA LEU D 324 -30.09 2.53 -11.02
C LEU D 324 -29.99 3.75 -11.93
#